data_6BZB
#
_entry.id   6BZB
#
_cell.length_a   69.950
_cell.length_b   104.750
_cell.length_c   152.650
_cell.angle_alpha   90.000
_cell.angle_beta   90.000
_cell.angle_gamma   90.000
#
_symmetry.space_group_name_H-M   'P 21 21 21'
#
loop_
_entity.id
_entity.type
_entity.pdbx_description
1 polymer 'Glucose-6-phosphate isomerase'
2 water water
#
_entity_poly.entity_id   1
_entity_poly.type   'polypeptide(L)'
_entity_poly.pdbx_seq_one_letter_code
;MAHHHHHHMSLNTINPTETKAWAQLKEHFAETDFDLKQLFTEDKSRFSEFSIQKENLLFDFSKNLVDKKAFQLLLALAEE
CHLNDAIEKMFTGDLINQTENRAVLHTALRNFGEEKIVVNGKSIDEDVQRVLNQMKIFSEKIISGEHKGFSGKEITDVVN
IGIGGSDLGPVMVCSALKHYRTRLNTHFVSNVDGNHIAEVVKNLNPETTLFIIASKTFTTQETMTNALSAKEWFLKAGKE
EDVAKHFVALSTNIEAVKNFGIAEENIFEFWDWVGGRYSLWSAIGLSIVLAVGYDNFEKLLRGAQDTDKHFRNTEFKNNI
PVLMGVLGVWYRNFFDASSYAILPYSQYLDRFAAYLQQGDMESNGKSVDRNGEFVDYETGPIIWGEPGTNGQHAFYQLIH
QGTELIPADFIAYAKANNNLSDHQDKLMSNFFAQTEALAFGKTKEQVITELKASGKNEEEIAFLTNFKTFTGNTPTNSFI
FEELTPFTLGQLIAFYEHKIFVQGVIWNIFSFDQWGVELGKALANKILPELENTAEITSHDSSTNGLINFYKKHK
;
_entity_poly.pdbx_strand_id   A,B
#
# COMPACT_ATOMS: atom_id res chain seq x y z
N MET A 9 -35.47 -10.45 -7.44
CA MET A 9 -34.13 -10.29 -8.02
C MET A 9 -34.13 -9.27 -9.15
N SER A 10 -32.99 -8.60 -9.34
CA SER A 10 -32.80 -7.64 -10.42
C SER A 10 -31.79 -8.20 -11.42
N LEU A 11 -30.51 -8.10 -11.10
CA LEU A 11 -29.51 -8.91 -11.78
C LEU A 11 -29.89 -10.38 -11.70
N ASN A 12 -29.61 -11.11 -12.78
CA ASN A 12 -29.68 -12.56 -12.73
C ASN A 12 -28.70 -13.08 -11.68
N THR A 13 -28.92 -14.34 -11.25
CA THR A 13 -28.25 -14.89 -10.09
C THR A 13 -27.59 -16.23 -10.41
N ILE A 14 -26.91 -16.28 -11.55
CA ILE A 14 -26.27 -17.52 -12.00
CA ILE A 14 -26.28 -17.52 -12.00
C ILE A 14 -25.06 -17.83 -11.12
N ASN A 15 -25.01 -19.07 -10.62
CA ASN A 15 -23.83 -19.54 -9.88
C ASN A 15 -22.75 -19.88 -10.89
N PRO A 16 -21.62 -19.19 -10.91
CA PRO A 16 -20.64 -19.43 -11.97
C PRO A 16 -20.13 -20.87 -12.00
N THR A 17 -19.99 -21.51 -10.84
CA THR A 17 -19.44 -22.86 -10.79
C THR A 17 -20.39 -23.91 -11.35
N GLU A 18 -21.63 -23.54 -11.64
CA GLU A 18 -22.60 -24.45 -12.23
C GLU A 18 -22.74 -24.28 -13.73
N THR A 19 -21.98 -23.36 -14.35
CA THR A 19 -22.11 -23.15 -15.78
C THR A 19 -21.32 -24.18 -16.57
N LYS A 20 -21.70 -24.32 -17.85
CA LYS A 20 -20.94 -25.18 -18.76
C LYS A 20 -19.52 -24.66 -18.98
N ALA A 21 -19.37 -23.34 -19.12
CA ALA A 21 -18.04 -22.78 -19.34
C ALA A 21 -17.11 -23.05 -18.16
N TRP A 22 -17.63 -22.97 -16.93
CA TRP A 22 -16.80 -23.23 -15.77
C TRP A 22 -16.30 -24.68 -15.76
N ALA A 23 -17.18 -25.63 -16.08
CA ALA A 23 -16.75 -27.03 -16.15
C ALA A 23 -15.70 -27.21 -17.23
N GLN A 24 -15.89 -26.57 -18.40
CA GLN A 24 -14.91 -26.68 -19.46
C GLN A 24 -13.60 -26.01 -19.07
N LEU A 25 -13.67 -24.89 -18.36
CA LEU A 25 -12.45 -24.24 -17.89
C LEU A 25 -11.71 -25.12 -16.90
N LYS A 26 -12.43 -25.79 -16.00
CA LYS A 26 -11.76 -26.68 -15.05
C LYS A 26 -11.04 -27.81 -15.76
N GLU A 27 -11.70 -28.42 -16.75
CA GLU A 27 -11.08 -29.50 -17.52
C GLU A 27 -9.87 -29.00 -18.29
N HIS A 28 -9.99 -27.83 -18.93
CA HIS A 28 -8.90 -27.29 -19.72
C HIS A 28 -7.70 -26.93 -18.86
N PHE A 29 -7.95 -26.33 -17.69
CA PHE A 29 -6.87 -26.04 -16.75
C PHE A 29 -6.14 -27.31 -16.32
N ALA A 30 -6.88 -28.37 -16.01
CA ALA A 30 -6.28 -29.59 -15.49
C ALA A 30 -5.41 -30.30 -16.52
N GLU A 31 -5.64 -30.09 -17.82
CA GLU A 31 -4.93 -30.84 -18.85
C GLU A 31 -4.01 -29.98 -19.71
N THR A 32 -3.74 -28.74 -19.30
CA THR A 32 -2.96 -27.81 -20.10
C THR A 32 -1.89 -27.17 -19.24
N ASP A 33 -0.66 -27.13 -19.75
CA ASP A 33 0.41 -26.34 -19.16
C ASP A 33 0.46 -24.99 -19.88
N PHE A 34 0.36 -23.91 -19.12
CA PHE A 34 0.42 -22.57 -19.68
C PHE A 34 1.81 -22.01 -19.38
N ASP A 35 2.71 -22.19 -20.33
CA ASP A 35 4.07 -21.71 -20.23
C ASP A 35 4.25 -20.56 -21.22
N LEU A 36 4.60 -19.38 -20.69
CA LEU A 36 4.62 -18.19 -21.55
C LEU A 36 5.70 -18.29 -22.62
N LYS A 37 6.91 -18.74 -22.25
CA LYS A 37 7.97 -18.89 -23.25
C LYS A 37 7.51 -19.77 -24.40
N GLN A 38 6.87 -20.89 -24.09
CA GLN A 38 6.38 -21.78 -25.14
C GLN A 38 5.28 -21.12 -25.97
N LEU A 39 4.32 -20.46 -25.30
CA LEU A 39 3.23 -19.82 -26.03
C LEU A 39 3.76 -18.81 -27.05
N PHE A 40 4.74 -18.00 -26.65
CA PHE A 40 5.28 -17.01 -27.58
C PHE A 40 6.14 -17.65 -28.65
N THR A 41 6.89 -18.71 -28.30
CA THR A 41 7.73 -19.39 -29.29
C THR A 41 6.89 -19.99 -30.40
N GLU A 42 5.70 -20.51 -30.06
CA GLU A 42 4.92 -21.25 -31.05
C GLU A 42 4.07 -20.36 -31.94
N ASP A 43 3.88 -19.08 -31.60
CA ASP A 43 3.02 -18.21 -32.41
C ASP A 43 3.59 -16.80 -32.42
N LYS A 44 4.25 -16.44 -33.53
CA LYS A 44 4.80 -15.09 -33.66
C LYS A 44 3.71 -14.02 -33.70
N SER A 45 2.45 -14.40 -33.87
CA SER A 45 1.33 -13.45 -33.88
C SER A 45 0.71 -13.25 -32.50
N ARG A 46 1.33 -13.78 -31.44
CA ARG A 46 0.65 -13.79 -30.14
C ARG A 46 0.33 -12.39 -29.65
N PHE A 47 1.31 -11.47 -29.73
CA PHE A 47 1.04 -10.09 -29.29
C PHE A 47 -0.11 -9.49 -30.07
N SER A 48 -0.08 -9.62 -31.41
CA SER A 48 -1.12 -9.02 -32.24
CA SER A 48 -1.12 -9.00 -32.23
C SER A 48 -2.50 -9.57 -31.91
N GLU A 49 -2.58 -10.86 -31.59
CA GLU A 49 -3.87 -11.48 -31.32
C GLU A 49 -4.37 -11.23 -29.90
N PHE A 50 -3.46 -10.99 -28.94
CA PHE A 50 -3.85 -10.80 -27.54
C PHE A 50 -3.55 -9.38 -27.06
N SER A 51 -3.93 -8.40 -27.87
CA SER A 51 -3.78 -7.00 -27.48
C SER A 51 -4.87 -6.18 -28.15
N ILE A 52 -5.18 -5.03 -27.54
CA ILE A 52 -6.16 -4.09 -28.04
C ILE A 52 -5.49 -2.74 -28.18
N GLN A 53 -5.54 -2.15 -29.36
CA GLN A 53 -5.05 -0.82 -29.61
C GLN A 53 -6.25 0.09 -29.82
N LYS A 54 -6.40 1.11 -28.98
CA LYS A 54 -7.57 1.97 -28.97
C LYS A 54 -7.12 3.43 -28.98
N GLU A 55 -7.14 4.05 -30.17
CA GLU A 55 -6.55 5.36 -30.38
C GLU A 55 -5.15 5.43 -29.78
N ASN A 56 -4.96 6.31 -28.80
CA ASN A 56 -3.67 6.55 -28.15
C ASN A 56 -3.38 5.58 -27.01
N LEU A 57 -3.96 4.38 -27.04
CA LEU A 57 -3.85 3.48 -25.90
C LEU A 57 -3.56 2.08 -26.40
N LEU A 58 -2.61 1.41 -25.74
CA LEU A 58 -2.37 -0.01 -25.97
C LEU A 58 -2.62 -0.78 -24.69
N PHE A 59 -3.48 -1.80 -24.76
CA PHE A 59 -3.72 -2.75 -23.68
C PHE A 59 -3.24 -4.11 -24.16
N ASP A 60 -2.09 -4.54 -23.65
CA ASP A 60 -1.45 -5.78 -24.08
C ASP A 60 -1.69 -6.84 -23.02
N PHE A 61 -2.51 -7.84 -23.35
CA PHE A 61 -2.76 -8.94 -22.42
C PHE A 61 -2.10 -10.24 -22.88
N SER A 62 -1.07 -10.15 -23.72
CA SER A 62 -0.46 -11.37 -24.26
C SER A 62 0.43 -12.10 -23.26
N LYS A 63 0.91 -11.45 -22.21
CA LYS A 63 1.70 -12.14 -21.19
C LYS A 63 0.83 -12.77 -20.11
N ASN A 64 -0.43 -13.07 -20.41
CA ASN A 64 -1.26 -13.83 -19.50
C ASN A 64 -1.14 -15.32 -19.78
N LEU A 65 -1.35 -16.12 -18.73
CA LEU A 65 -1.30 -17.59 -18.80
C LEU A 65 -2.59 -18.14 -19.42
N VAL A 66 -2.82 -17.79 -20.69
CA VAL A 66 -3.98 -18.24 -21.42
C VAL A 66 -3.56 -18.63 -22.84
N ASP A 67 -4.20 -19.67 -23.38
CA ASP A 67 -4.14 -19.96 -24.80
C ASP A 67 -5.46 -19.55 -25.43
N LYS A 68 -5.57 -19.74 -26.75
CA LYS A 68 -6.79 -19.35 -27.45
C LYS A 68 -8.02 -20.01 -26.85
N LYS A 69 -7.93 -21.31 -26.51
CA LYS A 69 -9.07 -22.03 -25.97
C LYS A 69 -9.50 -21.47 -24.62
N ALA A 70 -8.54 -21.20 -23.72
CA ALA A 70 -8.88 -20.64 -22.42
C ALA A 70 -9.52 -19.27 -22.56
N PHE A 71 -8.98 -18.46 -23.47
CA PHE A 71 -9.52 -17.13 -23.74
C PHE A 71 -10.98 -17.21 -24.18
N GLN A 72 -11.27 -18.08 -25.15
CA GLN A 72 -12.64 -18.22 -25.63
C GLN A 72 -13.56 -18.73 -24.53
N LEU A 73 -13.07 -19.65 -23.69
CA LEU A 73 -13.91 -20.18 -22.62
C LEU A 73 -14.20 -19.10 -21.56
N LEU A 74 -13.24 -18.22 -21.30
CA LEU A 74 -13.46 -17.12 -20.36
C LEU A 74 -14.51 -16.15 -20.87
N LEU A 75 -14.50 -15.87 -22.18
CA LEU A 75 -15.58 -15.05 -22.75
C LEU A 75 -16.91 -15.77 -22.67
N ALA A 76 -16.91 -17.10 -22.88
CA ALA A 76 -18.14 -17.88 -22.79
C ALA A 76 -18.70 -17.82 -21.37
N LEU A 77 -17.82 -17.82 -20.37
CA LEU A 77 -18.25 -17.71 -18.98
C LEU A 77 -18.98 -16.39 -18.75
N ALA A 78 -18.39 -15.28 -19.22
CA ALA A 78 -19.06 -13.99 -19.09
C ALA A 78 -20.43 -14.01 -19.73
N GLU A 79 -20.54 -14.61 -20.91
CA GLU A 79 -21.82 -14.66 -21.61
C GLU A 79 -22.82 -15.56 -20.90
N GLU A 80 -22.37 -16.70 -20.35
CA GLU A 80 -23.28 -17.61 -19.67
CA GLU A 80 -23.28 -17.61 -19.67
C GLU A 80 -23.74 -17.07 -18.33
N CYS A 81 -23.05 -16.06 -17.79
CA CYS A 81 -23.52 -15.38 -16.60
C CYS A 81 -24.38 -14.16 -16.93
N HIS A 82 -24.68 -13.95 -18.21
CA HIS A 82 -25.57 -12.88 -18.67
C HIS A 82 -24.98 -11.50 -18.39
N LEU A 83 -23.71 -11.32 -18.76
CA LEU A 83 -23.03 -10.05 -18.49
C LEU A 83 -23.68 -8.89 -19.24
N ASN A 84 -24.01 -9.08 -20.52
CA ASN A 84 -24.65 -8.00 -21.28
CA ASN A 84 -24.61 -7.96 -21.24
C ASN A 84 -25.91 -7.51 -20.58
N ASP A 85 -26.76 -8.45 -20.15
CA ASP A 85 -27.96 -8.10 -19.40
C ASP A 85 -27.62 -7.26 -18.18
N ALA A 86 -26.58 -7.67 -17.45
CA ALA A 86 -26.17 -6.95 -16.24
C ALA A 86 -25.70 -5.53 -16.57
N ILE A 87 -24.94 -5.36 -17.65
CA ILE A 87 -24.42 -4.05 -18.02
C ILE A 87 -25.58 -3.09 -18.25
N GLU A 88 -26.58 -3.52 -19.01
CA GLU A 88 -27.69 -2.62 -19.32
C GLU A 88 -28.52 -2.32 -18.07
N LYS A 89 -28.66 -3.30 -17.16
CA LYS A 89 -29.39 -3.06 -15.93
C LYS A 89 -28.71 -2.00 -15.06
N MET A 90 -27.37 -2.00 -15.03
CA MET A 90 -26.67 -0.94 -14.30
C MET A 90 -26.87 0.41 -14.97
N PHE A 91 -26.55 0.49 -16.28
CA PHE A 91 -26.55 1.79 -16.95
C PHE A 91 -27.94 2.43 -16.96
N THR A 92 -28.99 1.62 -17.13
CA THR A 92 -30.33 2.18 -17.26
C THR A 92 -31.03 2.43 -15.92
N GLY A 93 -30.38 2.14 -14.79
CA GLY A 93 -30.92 2.50 -13.50
C GLY A 93 -31.78 1.45 -12.81
N ASP A 94 -31.74 0.20 -13.26
CA ASP A 94 -32.35 -0.89 -12.50
C ASP A 94 -31.78 -0.93 -11.09
N LEU A 95 -32.58 -1.44 -10.15
CA LEU A 95 -32.21 -1.45 -8.73
C LEU A 95 -31.31 -2.65 -8.42
N ILE A 96 -30.10 -2.63 -9.01
CA ILE A 96 -29.27 -3.82 -8.94
C ILE A 96 -28.63 -4.02 -7.58
N ASN A 97 -28.64 -3.00 -6.73
CA ASN A 97 -28.20 -3.12 -5.34
C ASN A 97 -29.42 -3.58 -4.56
N GLN A 98 -29.61 -4.90 -4.47
CA GLN A 98 -30.88 -5.40 -3.97
C GLN A 98 -30.97 -5.41 -2.45
N THR A 99 -29.85 -5.51 -1.73
CA THR A 99 -29.93 -5.55 -0.27
C THR A 99 -30.30 -4.17 0.29
N GLU A 100 -29.98 -3.09 -0.42
CA GLU A 100 -30.37 -1.75 -0.01
C GLU A 100 -31.47 -1.16 -0.88
N ASN A 101 -31.90 -1.87 -1.93
CA ASN A 101 -32.93 -1.44 -2.87
C ASN A 101 -32.59 -0.08 -3.51
N ARG A 102 -31.45 -0.06 -4.20
CA ARG A 102 -30.93 1.15 -4.81
C ARG A 102 -30.42 0.88 -6.22
N ALA A 103 -30.45 1.93 -7.04
CA ALA A 103 -29.76 1.92 -8.33
C ALA A 103 -28.27 2.15 -8.10
N VAL A 104 -27.50 1.95 -9.17
CA VAL A 104 -26.03 2.06 -9.14
C VAL A 104 -25.67 2.89 -10.36
N LEU A 105 -25.48 4.20 -10.17
CA LEU A 105 -25.52 5.13 -11.29
C LEU A 105 -24.35 6.12 -11.26
N HIS A 106 -23.17 5.69 -10.77
CA HIS A 106 -22.00 6.54 -10.95
C HIS A 106 -21.75 6.84 -12.44
N THR A 107 -22.16 5.94 -13.34
CA THR A 107 -21.98 6.23 -14.76
C THR A 107 -22.79 7.44 -15.20
N ALA A 108 -23.95 7.68 -14.58
CA ALA A 108 -24.78 8.81 -14.97
C ALA A 108 -24.17 10.15 -14.55
N LEU A 109 -23.23 10.12 -13.60
CA LEU A 109 -22.57 11.34 -13.15
C LEU A 109 -21.76 11.98 -14.25
N ARG A 110 -21.31 11.19 -15.23
CA ARG A 110 -20.40 11.65 -16.26
C ARG A 110 -20.96 11.42 -17.67
N ASN A 111 -22.29 11.36 -17.81
CA ASN A 111 -22.86 11.18 -19.13
C ASN A 111 -23.26 12.49 -19.79
N PHE A 112 -23.02 13.64 -19.13
CA PHE A 112 -23.18 14.96 -19.74
C PHE A 112 -24.59 15.17 -20.28
N GLY A 113 -25.56 14.48 -19.70
CA GLY A 113 -26.93 14.64 -20.13
C GLY A 113 -27.28 13.96 -21.42
N GLU A 114 -26.42 13.09 -21.95
CA GLU A 114 -26.68 12.47 -23.24
C GLU A 114 -27.69 11.34 -23.16
N GLU A 115 -27.99 10.86 -21.96
CA GLU A 115 -29.03 9.87 -21.71
C GLU A 115 -29.82 10.35 -20.51
N LYS A 116 -31.14 10.23 -20.57
CA LYS A 116 -32.00 10.63 -19.46
C LYS A 116 -32.32 9.38 -18.66
N ILE A 117 -31.76 9.29 -17.46
CA ILE A 117 -31.96 8.15 -16.59
C ILE A 117 -33.02 8.49 -15.56
N VAL A 118 -33.93 7.57 -15.31
CA VAL A 118 -35.07 7.80 -14.43
C VAL A 118 -34.84 7.04 -13.13
N VAL A 119 -34.99 7.74 -12.01
CA VAL A 119 -34.92 7.15 -10.66
C VAL A 119 -36.15 7.62 -9.91
N ASN A 120 -36.90 6.68 -9.32
CA ASN A 120 -38.15 7.01 -8.61
C ASN A 120 -39.04 7.91 -9.46
N GLY A 121 -39.13 7.59 -10.75
CA GLY A 121 -40.03 8.32 -11.62
C GLY A 121 -39.57 9.70 -12.01
N LYS A 122 -38.35 10.11 -11.65
CA LYS A 122 -37.82 11.41 -12.01
C LYS A 122 -36.50 11.26 -12.76
N SER A 123 -36.36 12.04 -13.83
CA SER A 123 -35.11 12.13 -14.56
C SER A 123 -34.04 12.75 -13.66
N ILE A 124 -32.85 12.14 -13.64
CA ILE A 124 -31.79 12.60 -12.75
C ILE A 124 -30.81 13.57 -13.41
N ASP A 125 -30.84 13.71 -14.73
CA ASP A 125 -29.75 14.46 -15.34
C ASP A 125 -29.76 15.93 -14.93
N GLU A 126 -30.93 16.53 -14.74
CA GLU A 126 -31.00 17.93 -14.34
CA GLU A 126 -30.98 17.93 -14.35
C GLU A 126 -30.33 18.13 -12.99
N ASP A 127 -30.54 17.19 -12.06
CA ASP A 127 -29.88 17.24 -10.75
C ASP A 127 -28.36 17.12 -10.88
N VAL A 128 -27.89 16.17 -11.68
CA VAL A 128 -26.46 15.97 -11.87
C VAL A 128 -25.81 17.25 -12.40
N GLN A 129 -26.41 17.83 -13.46
CA GLN A 129 -25.84 19.03 -14.04
CA GLN A 129 -25.87 19.04 -14.06
C GLN A 129 -25.94 20.23 -13.11
N ARG A 130 -27.01 20.30 -12.31
CA ARG A 130 -27.14 21.40 -11.36
CA ARG A 130 -27.13 21.41 -11.37
C ARG A 130 -25.97 21.45 -10.39
N VAL A 131 -25.61 20.30 -9.83
CA VAL A 131 -24.51 20.27 -8.88
C VAL A 131 -23.17 20.52 -9.57
N LEU A 132 -22.98 19.96 -10.77
CA LEU A 132 -21.76 20.27 -11.54
C LEU A 132 -21.62 21.77 -11.76
N ASN A 133 -22.71 22.44 -12.14
CA ASN A 133 -22.62 23.89 -12.36
CA ASN A 133 -22.66 23.89 -12.35
C ASN A 133 -22.35 24.62 -11.05
N GLN A 134 -22.95 24.16 -9.95
CA GLN A 134 -22.68 24.76 -8.65
C GLN A 134 -21.21 24.65 -8.29
N MET A 135 -20.58 23.49 -8.57
CA MET A 135 -19.14 23.35 -8.32
CA MET A 135 -19.15 23.33 -8.34
C MET A 135 -18.32 24.24 -9.24
N LYS A 136 -18.73 24.37 -10.51
CA LYS A 136 -18.02 25.25 -11.43
C LYS A 136 -18.01 26.68 -10.92
N ILE A 137 -19.19 27.23 -10.59
CA ILE A 137 -19.29 28.64 -10.19
C ILE A 137 -18.55 28.87 -8.88
N PHE A 138 -18.75 28.00 -7.89
CA PHE A 138 -18.08 28.18 -6.61
C PHE A 138 -16.56 28.14 -6.78
N SER A 139 -16.06 27.15 -7.53
CA SER A 139 -14.62 27.01 -7.69
C SER A 139 -14.01 28.22 -8.39
N GLU A 140 -14.73 28.77 -9.38
CA GLU A 140 -14.22 29.96 -10.07
C GLU A 140 -14.01 31.11 -9.10
N LYS A 141 -14.94 31.28 -8.15
CA LYS A 141 -14.82 32.40 -7.20
C LYS A 141 -13.67 32.20 -6.22
N ILE A 142 -13.42 30.95 -5.79
CA ILE A 142 -12.28 30.71 -4.90
C ILE A 142 -10.97 30.90 -5.65
N ILE A 143 -10.86 30.29 -6.84
CA ILE A 143 -9.62 30.34 -7.59
C ILE A 143 -9.29 31.77 -8.02
N SER A 144 -10.30 32.53 -8.45
CA SER A 144 -10.06 33.89 -8.93
C SER A 144 -9.72 34.85 -7.81
N GLY A 145 -9.97 34.49 -6.55
CA GLY A 145 -9.81 35.40 -5.44
C GLY A 145 -11.02 36.26 -5.14
N GLU A 146 -12.10 36.15 -5.91
CA GLU A 146 -13.29 36.95 -5.63
C GLU A 146 -13.90 36.60 -4.28
N HIS A 147 -13.89 35.32 -3.91
CA HIS A 147 -14.38 34.88 -2.61
C HIS A 147 -13.30 35.16 -1.55
N LYS A 148 -13.59 36.06 -0.62
CA LYS A 148 -12.65 36.49 0.40
C LYS A 148 -12.93 35.78 1.72
N GLY A 149 -11.87 35.57 2.49
CA GLY A 149 -12.00 35.14 3.86
C GLY A 149 -12.44 36.28 4.78
N PHE A 150 -12.52 35.96 6.08
CA PHE A 150 -13.18 36.87 7.01
C PHE A 150 -12.42 38.18 7.20
N SER A 151 -11.12 38.21 6.87
CA SER A 151 -10.33 39.43 6.97
C SER A 151 -10.06 40.06 5.60
N GLY A 152 -10.72 39.57 4.55
CA GLY A 152 -10.62 40.18 3.23
C GLY A 152 -9.55 39.62 2.32
N LYS A 153 -8.91 38.50 2.69
CA LYS A 153 -7.83 37.92 1.92
C LYS A 153 -8.33 36.79 1.04
N GLU A 154 -7.62 36.56 -0.07
CA GLU A 154 -7.91 35.43 -0.95
C GLU A 154 -7.62 34.12 -0.24
N ILE A 155 -8.45 33.09 -0.53
CA ILE A 155 -8.17 31.74 -0.06
C ILE A 155 -6.89 31.23 -0.73
N THR A 156 -6.04 30.58 0.06
CA THR A 156 -4.82 29.98 -0.45
C THR A 156 -4.75 28.48 -0.25
N ASP A 157 -5.51 27.93 0.70
CA ASP A 157 -5.39 26.53 1.08
C ASP A 157 -6.77 25.92 1.21
N VAL A 158 -6.94 24.72 0.67
CA VAL A 158 -8.20 23.98 0.71
C VAL A 158 -7.92 22.68 1.46
N VAL A 159 -8.68 22.43 2.53
CA VAL A 159 -8.52 21.23 3.34
C VAL A 159 -9.78 20.39 3.19
N ASN A 160 -9.66 19.23 2.53
CA ASN A 160 -10.76 18.27 2.46
C ASN A 160 -10.77 17.41 3.72
N ILE A 161 -11.95 17.20 4.29
CA ILE A 161 -12.12 16.34 5.46
C ILE A 161 -13.16 15.26 5.10
N GLY A 162 -12.73 14.00 5.13
CA GLY A 162 -13.63 12.90 4.82
C GLY A 162 -12.93 11.59 5.10
N ILE A 163 -13.67 10.49 4.94
CA ILE A 163 -13.12 9.16 5.13
C ILE A 163 -13.57 8.27 3.98
N GLY A 164 -12.79 7.22 3.74
CA GLY A 164 -13.21 6.25 2.73
C GLY A 164 -13.42 6.90 1.37
N GLY A 165 -14.62 6.75 0.85
CA GLY A 165 -14.94 7.25 -0.47
C GLY A 165 -14.87 8.75 -0.58
N SER A 166 -15.00 9.47 0.52
CA SER A 166 -14.87 10.91 0.54
CA SER A 166 -14.86 10.91 0.46
C SER A 166 -13.42 11.37 0.69
N ASP A 167 -12.46 10.45 0.73
CA ASP A 167 -11.05 10.80 0.87
C ASP A 167 -10.16 10.18 -0.20
N LEU A 168 -10.29 8.87 -0.45
CA LEU A 168 -9.29 8.17 -1.26
CA LEU A 168 -9.28 8.18 -1.25
C LEU A 168 -9.27 8.68 -2.70
N GLY A 169 -10.45 8.92 -3.27
CA GLY A 169 -10.56 9.44 -4.63
C GLY A 169 -9.98 10.84 -4.79
N PRO A 170 -10.44 11.80 -3.97
CA PRO A 170 -9.80 13.12 -3.97
C PRO A 170 -8.29 13.08 -3.78
N VAL A 171 -7.79 12.28 -2.83
CA VAL A 171 -6.35 12.17 -2.63
C VAL A 171 -5.67 11.66 -3.91
N MET A 172 -6.18 10.55 -4.45
CA MET A 172 -5.52 9.92 -5.59
C MET A 172 -5.53 10.84 -6.82
N VAL A 173 -6.66 11.50 -7.09
CA VAL A 173 -6.77 12.30 -8.31
C VAL A 173 -5.96 13.58 -8.19
N CYS A 174 -6.02 14.21 -7.02
CA CYS A 174 -5.25 15.45 -6.85
C CYS A 174 -3.76 15.18 -6.93
N SER A 175 -3.28 14.06 -6.38
CA SER A 175 -1.88 13.69 -6.54
CA SER A 175 -1.88 13.71 -6.55
C SER A 175 -1.57 13.42 -8.01
N ALA A 176 -2.44 12.65 -8.68
CA ALA A 176 -2.18 12.24 -10.05
C ALA A 176 -2.18 13.42 -11.02
N LEU A 177 -2.92 14.48 -10.73
CA LEU A 177 -3.05 15.61 -11.66
C LEU A 177 -2.32 16.85 -11.14
N LYS A 178 -1.27 16.67 -10.32
CA LYS A 178 -0.51 17.80 -9.79
C LYS A 178 0.05 18.69 -10.88
N HIS A 179 0.39 18.12 -12.05
CA HIS A 179 0.90 18.92 -13.15
C HIS A 179 -0.13 19.95 -13.65
N TYR A 180 -1.42 19.71 -13.38
CA TYR A 180 -2.52 20.52 -13.86
C TYR A 180 -3.08 21.44 -12.78
N ARG A 181 -2.31 21.67 -11.71
CA ARG A 181 -2.84 22.35 -10.53
C ARG A 181 -3.15 23.83 -10.79
N THR A 182 -4.11 24.33 -10.03
CA THR A 182 -4.35 25.76 -9.86
C THR A 182 -3.39 26.32 -8.83
N ARG A 183 -3.55 27.63 -8.53
CA ARG A 183 -2.72 28.26 -7.50
C ARG A 183 -2.99 27.72 -6.10
N LEU A 184 -4.13 27.06 -5.87
CA LEU A 184 -4.51 26.67 -4.53
C LEU A 184 -3.69 25.48 -4.05
N ASN A 185 -3.35 25.48 -2.77
CA ASN A 185 -2.70 24.34 -2.13
C ASN A 185 -3.76 23.44 -1.54
N THR A 186 -3.63 22.13 -1.76
CA THR A 186 -4.60 21.14 -1.30
C THR A 186 -4.07 20.32 -0.13
N HIS A 187 -4.99 19.90 0.73
CA HIS A 187 -4.68 19.12 1.92
C HIS A 187 -5.84 18.16 2.18
N PHE A 188 -5.54 17.02 2.81
CA PHE A 188 -6.54 15.96 2.98
C PHE A 188 -6.45 15.37 4.38
N VAL A 189 -7.47 15.62 5.18
CA VAL A 189 -7.55 15.09 6.53
C VAL A 189 -8.55 13.93 6.51
N SER A 190 -8.17 12.80 7.12
CA SER A 190 -9.07 11.65 7.12
C SER A 190 -9.01 10.81 8.39
N ASN A 191 -7.85 10.71 9.02
CA ASN A 191 -7.75 9.86 10.20
C ASN A 191 -8.48 10.51 11.37
N VAL A 192 -9.18 9.70 12.17
CA VAL A 192 -9.71 10.23 13.42
C VAL A 192 -8.59 10.47 14.44
N ASP A 193 -7.44 9.83 14.26
CA ASP A 193 -6.24 10.20 15.01
C ASP A 193 -6.02 11.70 14.85
N GLY A 194 -6.16 12.45 15.95
CA GLY A 194 -6.11 13.91 15.91
C GLY A 194 -4.77 14.47 15.47
N ASN A 195 -3.73 13.64 15.47
CA ASN A 195 -2.45 14.06 14.90
C ASN A 195 -2.55 14.33 13.40
N HIS A 196 -3.54 13.79 12.70
CA HIS A 196 -3.65 14.10 11.28
C HIS A 196 -4.02 15.57 11.09
N ILE A 197 -5.15 16.02 11.64
CA ILE A 197 -5.51 17.43 11.45
C ILE A 197 -4.49 18.34 12.12
N ALA A 198 -3.92 17.92 13.25
CA ALA A 198 -2.97 18.79 13.95
C ALA A 198 -1.76 19.09 13.07
N GLU A 199 -1.24 18.08 12.36
CA GLU A 199 -0.08 18.32 11.51
C GLU A 199 -0.48 19.08 10.24
N VAL A 200 -1.67 18.84 9.70
CA VAL A 200 -2.08 19.50 8.47
C VAL A 200 -2.25 21.00 8.68
N VAL A 201 -2.87 21.43 9.79
CA VAL A 201 -3.14 22.85 9.96
C VAL A 201 -2.00 23.60 10.64
N LYS A 202 -0.94 22.90 11.03
CA LYS A 202 0.14 23.51 11.80
C LYS A 202 0.68 24.77 11.14
N ASN A 203 0.77 24.79 9.82
CA ASN A 203 1.34 25.94 9.12
C ASN A 203 0.29 26.69 8.29
N LEU A 204 -0.98 26.46 8.54
CA LEU A 204 -2.03 27.17 7.79
C LEU A 204 -2.52 28.38 8.57
N ASN A 205 -3.15 29.30 7.84
CA ASN A 205 -3.69 30.52 8.40
C ASN A 205 -5.20 30.47 8.32
N PRO A 206 -5.93 30.58 9.43
CA PRO A 206 -7.41 30.58 9.36
C PRO A 206 -7.98 31.61 8.40
N GLU A 207 -7.30 32.74 8.22
CA GLU A 207 -7.77 33.80 7.33
C GLU A 207 -7.85 33.37 5.88
N THR A 208 -7.09 32.34 5.49
CA THR A 208 -6.93 32.03 4.07
C THR A 208 -7.17 30.54 3.80
N THR A 209 -7.85 29.84 4.71
CA THR A 209 -8.08 28.40 4.59
C THR A 209 -9.57 28.13 4.39
N LEU A 210 -9.90 27.29 3.41
CA LEU A 210 -11.25 26.81 3.14
C LEU A 210 -11.32 25.33 3.48
N PHE A 211 -12.33 24.94 4.27
CA PHE A 211 -12.54 23.56 4.66
C PHE A 211 -13.74 22.98 3.90
N ILE A 212 -13.58 21.76 3.40
CA ILE A 212 -14.65 20.99 2.75
C ILE A 212 -14.98 19.83 3.69
N ILE A 213 -16.21 19.77 4.18
CA ILE A 213 -16.63 18.69 5.06
C ILE A 213 -17.45 17.70 4.24
N ALA A 214 -16.88 16.52 3.97
CA ALA A 214 -17.47 15.56 3.04
C ALA A 214 -18.07 14.41 3.84
N SER A 215 -19.39 14.45 4.02
CA SER A 215 -20.10 13.39 4.74
C SER A 215 -21.57 13.43 4.34
N LYS A 216 -22.06 12.36 3.72
CA LYS A 216 -23.45 12.37 3.25
C LYS A 216 -24.41 12.61 4.41
N THR A 217 -24.20 11.90 5.53
CA THR A 217 -25.06 12.04 6.70
C THR A 217 -24.74 13.24 7.57
N PHE A 218 -23.53 13.79 7.47
CA PHE A 218 -23.01 14.80 8.38
C PHE A 218 -23.06 14.33 9.85
N THR A 219 -23.05 13.01 10.07
CA THR A 219 -22.89 12.46 11.42
C THR A 219 -21.77 11.43 11.50
N THR A 220 -21.03 11.19 10.42
CA THR A 220 -19.86 10.32 10.43
C THR A 220 -18.91 10.71 11.55
N GLN A 221 -18.65 9.76 12.47
CA GLN A 221 -17.93 10.12 13.68
C GLN A 221 -16.54 10.68 13.38
N GLU A 222 -15.78 9.98 12.52
CA GLU A 222 -14.42 10.42 12.24
C GLU A 222 -14.42 11.79 11.57
N THR A 223 -15.22 11.96 10.52
CA THR A 223 -15.22 13.20 9.76
C THR A 223 -15.75 14.36 10.59
N MET A 224 -16.77 14.14 11.41
CA MET A 224 -17.35 15.23 12.17
C MET A 224 -16.51 15.57 13.40
N THR A 225 -15.78 14.60 13.96
CA THR A 225 -14.81 14.93 15.00
C THR A 225 -13.72 15.81 14.42
N ASN A 226 -13.25 15.50 13.22
CA ASN A 226 -12.29 16.34 12.53
C ASN A 226 -12.90 17.69 12.17
N ALA A 227 -14.15 17.71 11.70
CA ALA A 227 -14.80 18.96 11.34
C ALA A 227 -14.90 19.89 12.55
N LEU A 228 -15.27 19.34 13.71
CA LEU A 228 -15.34 20.19 14.90
C LEU A 228 -13.97 20.71 15.30
N SER A 229 -12.93 19.88 15.17
CA SER A 229 -11.59 20.35 15.48
C SER A 229 -11.13 21.44 14.52
N ALA A 230 -11.49 21.32 13.23
CA ALA A 230 -11.19 22.39 12.30
C ALA A 230 -11.91 23.68 12.69
N LYS A 231 -13.17 23.58 13.11
CA LYS A 231 -13.91 24.77 13.52
CA LYS A 231 -13.89 24.78 13.50
C LYS A 231 -13.30 25.41 14.76
N GLU A 232 -12.93 24.59 15.76
CA GLU A 232 -12.31 25.13 16.95
C GLU A 232 -11.00 25.83 16.63
N TRP A 233 -10.19 25.22 15.75
CA TRP A 233 -8.96 25.85 15.30
C TRP A 233 -9.26 27.18 14.62
N PHE A 234 -10.26 27.18 13.73
CA PHE A 234 -10.63 28.39 13.00
C PHE A 234 -11.07 29.48 13.96
N LEU A 235 -11.84 29.12 14.98
CA LEU A 235 -12.43 30.11 15.87
C LEU A 235 -11.42 30.72 16.85
N LYS A 236 -10.16 30.28 16.82
CA LYS A 236 -9.11 31.02 17.52
C LYS A 236 -8.82 32.35 16.86
N ALA A 237 -9.23 32.53 15.62
CA ALA A 237 -9.00 33.76 14.86
C ALA A 237 -10.28 34.36 14.30
N GLY A 238 -11.18 33.53 13.75
CA GLY A 238 -12.43 34.00 13.20
C GLY A 238 -13.55 33.93 14.21
N LYS A 239 -14.71 34.45 13.80
CA LYS A 239 -15.91 34.42 14.63
C LYS A 239 -16.89 33.37 14.12
N GLU A 240 -17.90 33.08 14.94
CA GLU A 240 -18.89 32.07 14.55
C GLU A 240 -19.58 32.44 13.23
N GLU A 241 -19.93 33.70 13.07
CA GLU A 241 -20.57 34.13 11.82
C GLU A 241 -19.61 34.07 10.63
N ASP A 242 -18.32 33.84 10.86
CA ASP A 242 -17.38 33.69 9.75
C ASP A 242 -17.29 32.27 9.24
N VAL A 243 -17.87 31.30 9.95
CA VAL A 243 -17.75 29.90 9.54
C VAL A 243 -18.31 29.70 8.14
N ALA A 244 -19.42 30.39 7.82
CA ALA A 244 -20.05 30.23 6.51
C ALA A 244 -19.18 30.74 5.37
N LYS A 245 -18.18 31.57 5.65
CA LYS A 245 -17.24 32.03 4.64
C LYS A 245 -16.12 31.05 4.38
N HIS A 246 -15.87 30.12 5.31
CA HIS A 246 -14.67 29.30 5.30
C HIS A 246 -14.94 27.80 5.29
N PHE A 247 -16.21 27.37 5.40
CA PHE A 247 -16.57 25.96 5.47
C PHE A 247 -17.69 25.67 4.49
N VAL A 248 -17.58 24.57 3.73
CA VAL A 248 -18.65 24.10 2.85
C VAL A 248 -18.88 22.62 3.14
N ALA A 249 -20.00 22.10 2.64
CA ALA A 249 -20.40 20.73 2.95
C ALA A 249 -20.78 19.95 1.69
N LEU A 250 -20.32 18.70 1.62
CA LEU A 250 -20.79 17.74 0.63
C LEU A 250 -21.66 16.77 1.42
N SER A 251 -22.97 16.97 1.35
CA SER A 251 -23.86 16.32 2.29
C SER A 251 -25.30 16.46 1.80
N THR A 252 -26.18 15.62 2.35
CA THR A 252 -27.62 15.80 2.16
C THR A 252 -28.37 16.07 3.46
N ASN A 253 -27.67 16.18 4.59
CA ASN A 253 -28.32 16.48 5.87
C ASN A 253 -28.35 17.99 6.06
N ILE A 254 -29.37 18.64 5.49
CA ILE A 254 -29.40 20.10 5.42
C ILE A 254 -29.41 20.71 6.82
N GLU A 255 -30.23 20.18 7.73
CA GLU A 255 -30.35 20.80 9.05
C GLU A 255 -29.06 20.64 9.86
N ALA A 256 -28.41 19.48 9.77
CA ALA A 256 -27.16 19.29 10.50
C ALA A 256 -26.06 20.20 9.96
N VAL A 257 -26.04 20.42 8.65
CA VAL A 257 -25.04 21.33 8.07
C VAL A 257 -25.27 22.76 8.55
N LYS A 258 -26.53 23.21 8.50
CA LYS A 258 -26.85 24.56 8.94
C LYS A 258 -26.52 24.75 10.42
N ASN A 259 -26.79 23.73 11.25
CA ASN A 259 -26.48 23.82 12.67
C ASN A 259 -24.98 23.98 12.91
N PHE A 260 -24.16 23.41 12.03
CA PHE A 260 -22.71 23.52 12.15
C PHE A 260 -22.22 24.93 11.84
N GLY A 261 -23.02 25.73 11.14
CA GLY A 261 -22.66 27.09 10.76
C GLY A 261 -22.34 27.28 9.29
N ILE A 262 -22.51 26.26 8.46
CA ILE A 262 -22.30 26.32 7.02
C ILE A 262 -23.58 26.83 6.38
N ALA A 263 -23.44 27.60 5.30
CA ALA A 263 -24.62 28.12 4.60
C ALA A 263 -25.22 27.06 3.69
N GLU A 264 -26.55 27.05 3.63
CA GLU A 264 -27.25 26.10 2.77
C GLU A 264 -26.84 26.27 1.31
N GLU A 265 -26.50 27.50 0.91
CA GLU A 265 -26.05 27.76 -0.46
C GLU A 265 -24.78 26.98 -0.80
N ASN A 266 -23.98 26.62 0.21
CA ASN A 266 -22.71 25.92 -0.01
C ASN A 266 -22.80 24.46 0.42
N ILE A 267 -23.98 23.86 0.28
CA ILE A 267 -24.14 22.42 0.40
C ILE A 267 -24.19 21.86 -1.02
N PHE A 268 -23.38 20.84 -1.27
CA PHE A 268 -23.27 20.21 -2.58
C PHE A 268 -23.82 18.79 -2.48
N GLU A 269 -24.91 18.52 -3.19
CA GLU A 269 -25.68 17.30 -3.05
C GLU A 269 -25.12 16.15 -3.87
N PHE A 270 -25.27 14.93 -3.35
CA PHE A 270 -25.13 13.72 -4.15
C PHE A 270 -26.19 12.73 -3.64
N TRP A 271 -26.30 11.57 -4.29
CA TRP A 271 -27.50 10.74 -4.17
C TRP A 271 -27.13 9.32 -3.76
N ASP A 272 -28.15 8.58 -3.28
CA ASP A 272 -27.92 7.24 -2.74
CA ASP A 272 -27.87 7.26 -2.73
C ASP A 272 -27.49 6.25 -3.80
N TRP A 273 -27.67 6.56 -5.08
CA TRP A 273 -27.19 5.70 -6.14
C TRP A 273 -25.74 6.01 -6.52
N VAL A 274 -25.10 6.91 -5.78
CA VAL A 274 -23.65 7.15 -5.88
C VAL A 274 -23.00 6.44 -4.69
N GLY A 275 -22.34 5.31 -4.92
CA GLY A 275 -21.57 4.70 -3.85
C GLY A 275 -20.34 5.51 -3.52
N GLY A 276 -19.97 5.53 -2.24
CA GLY A 276 -18.83 6.31 -1.82
C GLY A 276 -17.56 5.97 -2.59
N ARG A 277 -17.30 4.68 -2.79
CA ARG A 277 -16.11 4.26 -3.50
C ARG A 277 -16.21 4.45 -5.03
N TYR A 278 -17.32 5.06 -5.50
CA TYR A 278 -17.55 5.44 -6.88
C TYR A 278 -17.96 6.90 -6.97
N SER A 279 -17.55 7.73 -6.01
CA SER A 279 -18.17 9.04 -5.84
C SER A 279 -17.33 10.24 -6.27
N LEU A 280 -16.07 10.05 -6.68
CA LEU A 280 -15.24 11.22 -6.97
C LEU A 280 -15.81 12.01 -8.15
N TRP A 281 -16.66 11.38 -8.97
CA TRP A 281 -17.28 12.01 -10.14
C TRP A 281 -18.41 12.96 -9.77
N SER A 282 -18.88 12.91 -8.53
CA SER A 282 -20.00 13.68 -8.01
C SER A 282 -19.50 14.93 -7.27
N ALA A 283 -20.38 15.52 -6.47
CA ALA A 283 -20.00 16.58 -5.53
C ALA A 283 -18.76 16.24 -4.72
N ILE A 284 -18.52 14.94 -4.44
CA ILE A 284 -17.35 14.53 -3.66
C ILE A 284 -16.05 14.97 -4.32
N GLY A 285 -16.09 15.23 -5.62
CA GLY A 285 -14.95 15.77 -6.34
C GLY A 285 -14.70 17.25 -6.20
N LEU A 286 -15.40 17.97 -5.32
CA LEU A 286 -15.18 19.42 -5.25
C LEU A 286 -13.73 19.77 -5.00
N SER A 287 -13.03 18.99 -4.16
CA SER A 287 -11.62 19.31 -3.92
C SER A 287 -10.79 19.12 -5.18
N ILE A 288 -11.20 18.20 -6.07
CA ILE A 288 -10.53 18.07 -7.35
C ILE A 288 -10.78 19.29 -8.22
N VAL A 289 -12.03 19.76 -8.25
CA VAL A 289 -12.36 20.96 -9.02
C VAL A 289 -11.50 22.14 -8.57
N LEU A 290 -11.33 22.30 -7.26
CA LEU A 290 -10.51 23.39 -6.77
C LEU A 290 -9.03 23.17 -7.06
N ALA A 291 -8.58 21.92 -7.03
CA ALA A 291 -7.16 21.63 -7.18
C ALA A 291 -6.67 21.84 -8.60
N VAL A 292 -7.50 21.57 -9.60
CA VAL A 292 -7.06 21.60 -11.00
C VAL A 292 -7.97 22.43 -11.88
N GLY A 293 -9.05 22.99 -11.36
CA GLY A 293 -10.00 23.80 -12.13
C GLY A 293 -11.13 22.96 -12.72
N TYR A 294 -12.26 23.62 -12.96
CA TYR A 294 -13.45 22.88 -13.41
C TYR A 294 -13.25 22.30 -14.81
N ASP A 295 -12.58 23.01 -15.70
CA ASP A 295 -12.40 22.47 -17.05
C ASP A 295 -11.63 21.16 -17.01
N ASN A 296 -10.61 21.07 -16.15
CA ASN A 296 -9.88 19.81 -16.03
C ASN A 296 -10.75 18.73 -15.38
N PHE A 297 -11.59 19.10 -14.41
CA PHE A 297 -12.52 18.13 -13.86
C PHE A 297 -13.46 17.60 -14.95
N GLU A 298 -13.91 18.48 -15.85
CA GLU A 298 -14.77 18.03 -16.94
CA GLU A 298 -14.78 17.99 -16.92
C GLU A 298 -14.02 17.05 -17.85
N LYS A 299 -12.73 17.33 -18.12
CA LYS A 299 -11.96 16.41 -18.94
CA LYS A 299 -11.95 16.41 -18.94
C LYS A 299 -11.82 15.04 -18.26
N LEU A 300 -11.66 15.03 -16.94
CA LEU A 300 -11.62 13.78 -16.19
C LEU A 300 -12.93 13.00 -16.35
N LEU A 301 -14.07 13.68 -16.23
CA LEU A 301 -15.34 12.99 -16.41
C LEU A 301 -15.52 12.51 -17.85
N ARG A 302 -15.02 13.27 -18.83
CA ARG A 302 -15.11 12.83 -20.22
C ARG A 302 -14.30 11.57 -20.47
N GLY A 303 -13.15 11.44 -19.80
CA GLY A 303 -12.37 10.22 -19.94
C GLY A 303 -13.11 9.01 -19.41
N ALA A 304 -13.76 9.17 -18.25
CA ALA A 304 -14.57 8.06 -17.72
C ALA A 304 -15.72 7.73 -18.65
N GLN A 305 -16.37 8.75 -19.20
CA GLN A 305 -17.48 8.52 -20.12
C GLN A 305 -17.00 7.77 -21.36
N ASP A 306 -15.79 8.08 -21.84
CA ASP A 306 -15.22 7.38 -22.99
C ASP A 306 -15.09 5.90 -22.69
N THR A 307 -14.57 5.57 -21.50
CA THR A 307 -14.50 4.17 -21.09
C THR A 307 -15.89 3.56 -20.93
N ASP A 308 -16.85 4.34 -20.39
CA ASP A 308 -18.22 3.84 -20.26
C ASP A 308 -18.77 3.38 -21.62
N LYS A 309 -18.63 4.22 -22.64
CA LYS A 309 -19.15 3.87 -23.96
C LYS A 309 -18.40 2.66 -24.52
N HIS A 310 -17.08 2.64 -24.33
CA HIS A 310 -16.30 1.47 -24.75
C HIS A 310 -16.83 0.20 -24.08
N PHE A 311 -17.03 0.25 -22.77
CA PHE A 311 -17.45 -0.94 -22.03
C PHE A 311 -18.86 -1.37 -22.42
N ARG A 312 -19.78 -0.41 -22.59
CA ARG A 312 -21.17 -0.73 -22.85
C ARG A 312 -21.38 -1.25 -24.28
N ASN A 313 -20.59 -0.80 -25.25
CA ASN A 313 -20.91 -1.05 -26.65
C ASN A 313 -20.00 -2.05 -27.36
N THR A 314 -18.88 -2.45 -26.76
CA THR A 314 -17.87 -3.21 -27.48
C THR A 314 -18.05 -4.70 -27.25
N GLU A 315 -17.94 -5.48 -28.34
CA GLU A 315 -17.96 -6.92 -28.17
CA GLU A 315 -17.90 -6.94 -28.24
C GLU A 315 -16.87 -7.38 -27.20
N PHE A 316 -17.18 -8.45 -26.47
CA PHE A 316 -16.36 -8.80 -25.30
C PHE A 316 -14.90 -9.07 -25.67
N LYS A 317 -14.65 -9.66 -26.84
CA LYS A 317 -13.28 -10.01 -27.21
C LYS A 317 -12.39 -8.77 -27.36
N ASN A 318 -12.98 -7.59 -27.59
CA ASN A 318 -12.23 -6.35 -27.75
C ASN A 318 -12.55 -5.34 -26.66
N ASN A 319 -13.11 -5.81 -25.54
CA ASN A 319 -13.64 -4.97 -24.46
C ASN A 319 -12.66 -5.03 -23.29
N ILE A 320 -11.93 -3.93 -23.05
CA ILE A 320 -10.82 -3.95 -22.09
C ILE A 320 -11.27 -4.32 -20.68
N PRO A 321 -12.31 -3.71 -20.10
CA PRO A 321 -12.73 -4.11 -18.74
C PRO A 321 -13.21 -5.56 -18.66
N VAL A 322 -13.89 -6.07 -19.68
CA VAL A 322 -14.31 -7.46 -19.65
C VAL A 322 -13.10 -8.38 -19.61
N LEU A 323 -12.08 -8.07 -20.43
CA LEU A 323 -10.89 -8.90 -20.42
C LEU A 323 -10.15 -8.80 -19.09
N MET A 324 -10.05 -7.60 -18.52
CA MET A 324 -9.46 -7.48 -17.19
C MET A 324 -10.21 -8.34 -16.19
N GLY A 325 -11.54 -8.33 -16.27
CA GLY A 325 -12.34 -9.05 -15.29
C GLY A 325 -12.21 -10.55 -15.41
N VAL A 326 -12.36 -11.08 -16.62
CA VAL A 326 -12.35 -12.54 -16.75
C VAL A 326 -10.94 -13.10 -16.54
N LEU A 327 -9.90 -12.34 -16.92
CA LEU A 327 -8.54 -12.80 -16.61
C LEU A 327 -8.32 -12.87 -15.11
N GLY A 328 -8.83 -11.89 -14.36
CA GLY A 328 -8.72 -11.95 -12.91
C GLY A 328 -9.46 -13.14 -12.30
N VAL A 329 -10.60 -13.50 -12.87
CA VAL A 329 -11.33 -14.68 -12.41
C VAL A 329 -10.51 -15.94 -12.66
N TRP A 330 -9.90 -16.03 -13.84
CA TRP A 330 -8.98 -17.12 -14.17
C TRP A 330 -7.92 -17.32 -13.10
N TYR A 331 -7.24 -16.24 -12.69
CA TYR A 331 -6.18 -16.42 -11.70
C TYR A 331 -6.74 -16.70 -10.31
N ARG A 332 -7.83 -16.02 -9.93
CA ARG A 332 -8.37 -16.18 -8.58
C ARG A 332 -8.94 -17.58 -8.36
N ASN A 333 -9.72 -18.09 -9.32
CA ASN A 333 -10.49 -19.31 -9.11
C ASN A 333 -9.87 -20.55 -9.72
N PHE A 334 -8.98 -20.40 -10.69
CA PHE A 334 -8.36 -21.58 -11.29
C PHE A 334 -6.89 -21.72 -10.94
N PHE A 335 -6.11 -20.63 -10.93
CA PHE A 335 -4.73 -20.68 -10.45
C PHE A 335 -4.61 -20.47 -8.95
N ASP A 336 -5.71 -20.16 -8.26
CA ASP A 336 -5.71 -19.96 -6.80
CA ASP A 336 -5.70 -19.96 -6.80
C ASP A 336 -4.71 -18.89 -6.36
N ALA A 337 -4.67 -17.78 -7.11
CA ALA A 337 -3.86 -16.62 -6.74
C ALA A 337 -4.68 -15.70 -5.86
N SER A 338 -4.17 -15.41 -4.65
CA SER A 338 -4.93 -14.67 -3.65
C SER A 338 -4.90 -13.17 -3.88
N SER A 339 -3.92 -12.66 -4.63
CA SER A 339 -3.72 -11.22 -4.74
C SER A 339 -3.59 -10.82 -6.20
N TYR A 340 -3.69 -9.51 -6.45
CA TYR A 340 -3.50 -8.92 -7.77
C TYR A 340 -2.79 -7.59 -7.56
N ALA A 341 -1.60 -7.45 -8.17
CA ALA A 341 -0.78 -6.26 -7.93
C ALA A 341 -1.04 -5.18 -8.98
N ILE A 342 -1.02 -3.93 -8.53
CA ILE A 342 -1.24 -2.78 -9.41
C ILE A 342 0.04 -1.95 -9.33
N LEU A 343 0.77 -1.88 -10.47
CA LEU A 343 2.13 -1.35 -10.49
C LEU A 343 2.24 -0.28 -11.58
N PRO A 344 1.84 0.96 -11.26
CA PRO A 344 1.86 2.03 -12.27
C PRO A 344 3.21 2.72 -12.35
N TYR A 345 3.80 2.78 -13.53
CA TYR A 345 5.13 3.41 -13.68
C TYR A 345 4.99 4.91 -13.90
N SER A 346 4.43 5.57 -12.88
CA SER A 346 4.33 7.03 -12.83
C SER A 346 4.31 7.45 -11.37
N GLN A 347 5.18 8.39 -11.00
CA GLN A 347 5.13 8.87 -9.62
C GLN A 347 3.80 9.55 -9.33
N TYR A 348 3.12 10.05 -10.36
CA TYR A 348 1.83 10.71 -10.11
C TYR A 348 0.77 9.73 -9.65
N LEU A 349 0.88 8.45 -10.00
CA LEU A 349 -0.06 7.43 -9.58
C LEU A 349 0.36 6.78 -8.26
N ASP A 350 1.00 7.55 -7.37
CA ASP A 350 1.48 6.99 -6.12
C ASP A 350 0.35 6.51 -5.20
N ARG A 351 -0.86 7.07 -5.33
CA ARG A 351 -1.98 6.63 -4.48
C ARG A 351 -3.06 5.88 -5.27
N PHE A 352 -2.71 5.38 -6.46
CA PHE A 352 -3.68 4.70 -7.31
C PHE A 352 -3.99 3.30 -6.80
N ALA A 353 -2.97 2.49 -6.47
CA ALA A 353 -3.25 1.17 -5.92
C ALA A 353 -4.04 1.27 -4.62
N ALA A 354 -3.71 2.24 -3.76
CA ALA A 354 -4.48 2.43 -2.53
C ALA A 354 -5.94 2.74 -2.82
N TYR A 355 -6.21 3.51 -3.87
CA TYR A 355 -7.59 3.83 -4.23
C TYR A 355 -8.34 2.57 -4.65
N LEU A 356 -7.70 1.73 -5.46
CA LEU A 356 -8.33 0.49 -5.91
C LEU A 356 -8.53 -0.50 -4.77
N GLN A 357 -7.77 -0.39 -3.68
CA GLN A 357 -8.05 -1.24 -2.53
C GLN A 357 -9.48 -1.06 -2.05
N GLN A 358 -9.97 0.17 -1.98
CA GLN A 358 -11.37 0.34 -1.60
C GLN A 358 -12.29 -0.04 -2.76
N GLY A 359 -12.05 0.53 -3.94
CA GLY A 359 -12.95 0.30 -5.05
C GLY A 359 -13.15 -1.17 -5.34
N ASP A 360 -12.06 -1.94 -5.30
CA ASP A 360 -12.12 -3.37 -5.60
C ASP A 360 -12.51 -4.18 -4.35
N MET A 361 -11.74 -4.05 -3.27
CA MET A 361 -11.92 -4.99 -2.15
C MET A 361 -13.20 -4.72 -1.37
N GLU A 362 -13.62 -3.45 -1.24
CA GLU A 362 -14.89 -3.23 -0.54
C GLU A 362 -16.08 -3.63 -1.42
N SER A 363 -15.92 -3.58 -2.74
CA SER A 363 -16.96 -4.07 -3.62
C SER A 363 -17.09 -5.59 -3.58
N ASN A 364 -15.98 -6.31 -3.80
CA ASN A 364 -16.10 -7.74 -4.08
C ASN A 364 -15.54 -8.63 -2.98
N GLY A 365 -15.21 -8.05 -1.83
CA GLY A 365 -14.83 -8.83 -0.66
C GLY A 365 -16.08 -9.31 0.06
N LYS A 366 -16.77 -10.28 -0.57
CA LYS A 366 -18.09 -10.74 -0.17
C LYS A 366 -18.10 -12.25 -0.17
N SER A 367 -18.92 -12.86 0.69
CA SER A 367 -18.97 -14.31 0.75
C SER A 367 -20.38 -14.86 0.67
N VAL A 368 -21.36 -14.04 0.28
CA VAL A 368 -22.74 -14.46 0.12
C VAL A 368 -23.18 -14.06 -1.29
N ASP A 369 -23.84 -14.97 -1.99
CA ASP A 369 -24.18 -14.71 -3.39
C ASP A 369 -25.53 -13.97 -3.49
N ARG A 370 -25.96 -13.70 -4.72
CA ARG A 370 -27.14 -12.87 -4.92
C ARG A 370 -28.44 -13.60 -4.59
N ASN A 371 -28.36 -14.92 -4.36
CA ASN A 371 -29.48 -15.70 -3.84
C ASN A 371 -29.49 -15.75 -2.32
N GLY A 372 -28.53 -15.10 -1.67
CA GLY A 372 -28.42 -15.15 -0.22
C GLY A 372 -27.74 -16.37 0.32
N GLU A 373 -27.01 -17.11 -0.51
CA GLU A 373 -26.34 -18.34 -0.10
C GLU A 373 -24.84 -18.10 0.03
N PHE A 374 -24.23 -18.71 1.04
CA PHE A 374 -22.77 -18.62 1.18
C PHE A 374 -22.09 -19.25 -0.03
N VAL A 375 -20.99 -18.63 -0.47
CA VAL A 375 -20.25 -19.12 -1.62
C VAL A 375 -19.22 -20.13 -1.15
N ASP A 376 -18.91 -21.10 -1.99
CA ASP A 376 -17.82 -22.03 -1.70
C ASP A 376 -16.68 -21.88 -2.72
N TYR A 377 -16.57 -20.70 -3.31
CA TYR A 377 -15.50 -20.35 -4.22
C TYR A 377 -14.93 -19.01 -3.79
N GLU A 378 -13.75 -18.66 -4.32
CA GLU A 378 -13.10 -17.40 -3.96
C GLU A 378 -13.73 -16.23 -4.70
N THR A 379 -13.80 -15.06 -4.04
CA THR A 379 -14.27 -13.86 -4.69
C THR A 379 -13.13 -12.83 -4.75
N GLY A 380 -13.36 -11.58 -4.32
CA GLY A 380 -12.36 -10.55 -4.53
C GLY A 380 -10.98 -10.89 -3.99
N PRO A 381 -9.93 -10.55 -4.73
CA PRO A 381 -8.56 -10.73 -4.24
C PRO A 381 -8.05 -9.55 -3.42
N ILE A 382 -6.88 -9.74 -2.81
CA ILE A 382 -6.17 -8.64 -2.17
C ILE A 382 -5.51 -7.79 -3.25
N ILE A 383 -5.81 -6.50 -3.27
CA ILE A 383 -5.22 -5.53 -4.20
C ILE A 383 -4.12 -4.80 -3.44
N TRP A 384 -2.97 -4.62 -4.09
CA TRP A 384 -1.86 -3.94 -3.43
C TRP A 384 -0.89 -3.46 -4.51
N GLY A 385 0.05 -2.62 -4.12
CA GLY A 385 1.10 -2.17 -5.03
C GLY A 385 1.65 -0.81 -4.64
N GLU A 386 2.70 -0.42 -5.36
CA GLU A 386 3.32 0.89 -5.29
C GLU A 386 3.73 1.26 -6.71
N PRO A 387 3.86 2.56 -7.02
CA PRO A 387 4.31 2.93 -8.36
C PRO A 387 5.72 2.44 -8.63
N GLY A 388 5.98 2.08 -9.89
CA GLY A 388 7.36 1.85 -10.33
C GLY A 388 8.03 3.18 -10.62
N THR A 389 9.34 3.26 -10.39
CA THR A 389 10.22 2.17 -9.97
C THR A 389 10.27 1.92 -8.45
N ASN A 390 9.46 2.63 -7.66
CA ASN A 390 9.57 2.53 -6.19
C ASN A 390 9.25 1.12 -5.69
N GLY A 391 8.11 0.56 -6.10
CA GLY A 391 7.80 -0.80 -5.66
C GLY A 391 8.79 -1.82 -6.19
N GLN A 392 9.33 -1.56 -7.38
CA GLN A 392 10.31 -2.43 -8.00
C GLN A 392 11.52 -2.64 -7.09
N HIS A 393 11.97 -1.59 -6.40
CA HIS A 393 13.11 -1.68 -5.51
C HIS A 393 12.72 -1.97 -4.07
N ALA A 394 11.46 -2.29 -3.81
CA ALA A 394 11.00 -2.70 -2.49
C ALA A 394 10.71 -4.20 -2.43
N PHE A 395 9.80 -4.70 -3.28
CA PHE A 395 9.26 -6.04 -3.06
C PHE A 395 9.28 -6.94 -4.29
N TYR A 396 9.87 -6.51 -5.41
CA TYR A 396 9.80 -7.38 -6.59
C TYR A 396 10.62 -8.65 -6.40
N GLN A 397 11.62 -8.63 -5.50
CA GLN A 397 12.33 -9.84 -5.13
C GLN A 397 11.35 -10.99 -4.92
N LEU A 398 10.27 -10.76 -4.17
CA LEU A 398 9.33 -11.83 -3.88
C LEU A 398 8.51 -12.19 -5.12
N ILE A 399 8.14 -11.21 -5.96
CA ILE A 399 7.39 -11.55 -7.16
C ILE A 399 8.23 -12.42 -8.09
N HIS A 400 9.54 -12.13 -8.18
CA HIS A 400 10.41 -12.89 -9.07
C HIS A 400 10.78 -14.26 -8.52
N GLN A 401 10.97 -14.40 -7.20
CA GLN A 401 11.58 -15.61 -6.67
C GLN A 401 10.91 -16.16 -5.42
N GLY A 402 9.77 -15.62 -5.02
CA GLY A 402 9.01 -16.16 -3.89
C GLY A 402 8.19 -17.37 -4.27
N THR A 403 7.28 -17.76 -3.37
CA THR A 403 6.45 -18.95 -3.59
C THR A 403 5.01 -18.60 -3.96
N GLU A 404 4.75 -17.34 -4.27
CA GLU A 404 3.40 -16.84 -4.48
C GLU A 404 3.20 -16.48 -5.95
N LEU A 405 2.07 -16.88 -6.54
CA LEU A 405 1.70 -16.40 -7.87
C LEU A 405 1.03 -15.04 -7.73
N ILE A 406 1.63 -14.01 -8.34
CA ILE A 406 1.11 -12.65 -8.23
C ILE A 406 0.91 -12.07 -9.63
N PRO A 407 -0.29 -12.19 -10.20
CA PRO A 407 -0.57 -11.46 -11.44
C PRO A 407 -0.55 -9.96 -11.17
N ALA A 408 -0.23 -9.18 -12.21
CA ALA A 408 -0.08 -7.75 -11.99
C ALA A 408 -0.39 -6.96 -13.25
N ASP A 409 -0.91 -5.74 -13.05
CA ASP A 409 -1.06 -4.76 -14.11
C ASP A 409 0.08 -3.76 -14.04
N PHE A 410 0.78 -3.60 -15.15
CA PHE A 410 1.79 -2.57 -15.33
C PHE A 410 1.17 -1.47 -16.19
N ILE A 411 1.25 -0.22 -15.71
CA ILE A 411 0.63 0.92 -16.37
C ILE A 411 1.71 1.97 -16.65
N ALA A 412 1.71 2.54 -17.86
CA ALA A 412 2.71 3.57 -18.16
C ALA A 412 2.17 4.59 -19.17
N TYR A 413 2.94 5.69 -19.30
CA TYR A 413 2.67 6.78 -20.23
C TYR A 413 3.88 6.96 -21.13
N ALA A 414 3.64 7.21 -22.41
CA ALA A 414 4.77 7.36 -23.32
C ALA A 414 5.50 8.68 -23.09
N LYS A 415 4.76 9.74 -22.79
CA LYS A 415 5.34 11.06 -22.57
C LYS A 415 5.27 11.39 -21.07
N ALA A 416 6.32 12.05 -20.58
CA ALA A 416 6.34 12.58 -19.22
C ALA A 416 5.82 14.01 -19.21
N ASN A 417 5.02 14.35 -18.18
CA ASN A 417 4.53 15.73 -18.08
C ASN A 417 5.68 16.72 -17.94
N ASN A 418 6.64 16.39 -17.07
CA ASN A 418 7.92 17.07 -16.98
C ASN A 418 8.97 16.13 -17.52
N ASN A 419 9.54 16.45 -18.68
CA ASN A 419 10.51 15.60 -19.35
C ASN A 419 11.91 16.10 -19.04
N LEU A 420 12.68 15.30 -18.31
CA LEU A 420 14.02 15.67 -17.88
C LEU A 420 15.04 14.67 -18.43
N SER A 421 16.14 15.21 -18.99
CA SER A 421 17.27 14.46 -19.53
C SER A 421 16.84 13.13 -20.16
N ASP A 422 17.29 12.00 -19.62
CA ASP A 422 16.86 10.69 -20.11
C ASP A 422 16.07 9.90 -19.07
N HIS A 423 15.41 10.62 -18.15
CA HIS A 423 14.59 9.96 -17.14
C HIS A 423 13.50 9.08 -17.75
N GLN A 424 12.81 9.59 -18.78
CA GLN A 424 11.62 8.87 -19.25
C GLN A 424 12.01 7.56 -19.94
N ASP A 425 13.05 7.57 -20.78
CA ASP A 425 13.47 6.32 -21.40
C ASP A 425 13.99 5.34 -20.34
N LYS A 426 14.68 5.83 -19.32
CA LYS A 426 15.12 4.97 -18.24
C LYS A 426 13.94 4.35 -17.50
N LEU A 427 12.97 5.18 -17.11
CA LEU A 427 11.76 4.66 -16.48
C LEU A 427 11.12 3.57 -17.34
N MET A 428 10.95 3.84 -18.63
CA MET A 428 10.25 2.91 -19.49
C MET A 428 11.08 1.65 -19.75
N SER A 429 12.41 1.74 -19.80
CA SER A 429 13.20 0.52 -19.93
C SER A 429 12.90 -0.45 -18.80
N ASN A 430 12.60 0.05 -17.59
CA ASN A 430 12.23 -0.81 -16.47
C ASN A 430 10.81 -1.37 -16.66
N PHE A 431 9.88 -0.52 -17.12
CA PHE A 431 8.52 -0.97 -17.40
C PHE A 431 8.50 -2.16 -18.35
N PHE A 432 9.26 -2.09 -19.45
CA PHE A 432 9.28 -3.19 -20.42
C PHE A 432 10.02 -4.39 -19.86
N ALA A 433 11.16 -4.15 -19.22
CA ALA A 433 12.04 -5.24 -18.80
C ALA A 433 11.39 -6.07 -17.70
N GLN A 434 10.64 -5.44 -16.81
CA GLN A 434 10.12 -6.19 -15.67
C GLN A 434 9.08 -7.21 -16.10
N THR A 435 8.19 -6.85 -17.04
CA THR A 435 7.21 -7.85 -17.48
C THR A 435 7.87 -8.91 -18.34
N GLU A 436 8.90 -8.55 -19.11
CA GLU A 436 9.68 -9.55 -19.84
C GLU A 436 10.33 -10.53 -18.86
N ALA A 437 10.94 -10.00 -17.80
CA ALA A 437 11.58 -10.86 -16.80
C ALA A 437 10.56 -11.74 -16.10
N LEU A 438 9.42 -11.16 -15.72
CA LEU A 438 8.41 -11.92 -15.00
C LEU A 438 7.83 -13.04 -15.86
N ALA A 439 7.72 -12.81 -17.16
CA ALA A 439 7.10 -13.82 -18.02
C ALA A 439 8.07 -14.95 -18.33
N PHE A 440 9.32 -14.61 -18.69
CA PHE A 440 10.16 -15.59 -19.34
C PHE A 440 11.34 -16.05 -18.49
N GLY A 441 11.65 -15.33 -17.41
CA GLY A 441 12.63 -15.77 -16.45
C GLY A 441 14.01 -15.93 -17.04
N LYS A 442 14.79 -16.81 -16.41
CA LYS A 442 16.15 -17.12 -16.84
CA LYS A 442 16.17 -17.10 -16.79
C LYS A 442 16.48 -18.54 -16.41
N THR A 443 16.93 -19.35 -17.37
CA THR A 443 17.10 -20.77 -17.16
C THR A 443 18.40 -21.09 -16.42
N LYS A 444 18.43 -22.32 -15.90
CA LYS A 444 19.65 -22.87 -15.32
C LYS A 444 20.82 -22.78 -16.29
N GLU A 445 20.60 -23.15 -17.56
CA GLU A 445 21.69 -23.08 -18.55
C GLU A 445 22.21 -21.66 -18.69
N GLN A 446 21.31 -20.67 -18.72
CA GLN A 446 21.75 -19.28 -18.82
C GLN A 446 22.54 -18.86 -17.61
N VAL A 447 22.11 -19.27 -16.41
CA VAL A 447 22.79 -18.91 -15.18
C VAL A 447 24.20 -19.51 -15.17
N ILE A 448 24.33 -20.78 -15.55
CA ILE A 448 25.64 -21.40 -15.54
C ILE A 448 26.59 -20.69 -16.50
N THR A 449 26.08 -20.31 -17.68
CA THR A 449 26.90 -19.56 -18.64
C THR A 449 27.41 -18.26 -18.04
N GLU A 450 26.54 -17.52 -17.33
CA GLU A 450 26.95 -16.26 -16.74
C GLU A 450 27.91 -16.47 -15.58
N LEU A 451 27.70 -17.53 -14.78
CA LEU A 451 28.62 -17.79 -13.67
C LEU A 451 30.00 -18.16 -14.20
N LYS A 452 30.06 -18.96 -15.27
CA LYS A 452 31.36 -19.27 -15.88
C LYS A 452 32.01 -18.00 -16.44
N ALA A 453 31.21 -17.10 -17.01
CA ALA A 453 31.76 -15.88 -17.60
C ALA A 453 32.36 -14.95 -16.55
N SER A 454 31.97 -15.09 -15.28
CA SER A 454 32.48 -14.25 -14.21
C SER A 454 33.60 -14.92 -13.44
N GLY A 455 34.10 -16.05 -13.92
CA GLY A 455 35.26 -16.68 -13.32
C GLY A 455 34.99 -17.56 -12.13
N LYS A 456 33.76 -17.99 -11.93
CA LYS A 456 33.43 -18.87 -10.81
C LYS A 456 33.90 -20.30 -11.10
N ASN A 457 34.31 -21.01 -10.04
CA ASN A 457 34.75 -22.38 -10.19
C ASN A 457 33.58 -23.35 -10.02
N GLU A 458 33.88 -24.64 -10.08
CA GLU A 458 32.83 -25.67 -10.15
C GLU A 458 32.00 -25.71 -8.87
N GLU A 459 32.64 -25.62 -7.71
CA GLU A 459 31.90 -25.64 -6.45
C GLU A 459 31.01 -24.40 -6.32
N GLU A 460 31.54 -23.23 -6.68
CA GLU A 460 30.75 -22.00 -6.60
C GLU A 460 29.53 -22.08 -7.50
N ILE A 461 29.72 -22.53 -8.74
CA ILE A 461 28.61 -22.65 -9.69
C ILE A 461 27.54 -23.60 -9.15
N ALA A 462 27.97 -24.74 -8.61
CA ALA A 462 27.00 -25.72 -8.10
C ALA A 462 26.20 -25.14 -6.95
N PHE A 463 26.83 -24.34 -6.09
CA PHE A 463 26.09 -23.76 -4.97
C PHE A 463 25.16 -22.65 -5.42
N LEU A 464 25.64 -21.74 -6.29
CA LEU A 464 24.91 -20.51 -6.53
C LEU A 464 23.81 -20.63 -7.58
N THR A 465 23.83 -21.67 -8.42
CA THR A 465 23.02 -21.69 -9.63
C THR A 465 21.53 -21.51 -9.33
N ASN A 466 20.99 -22.30 -8.39
CA ASN A 466 19.54 -22.21 -8.16
C ASN A 466 19.12 -20.88 -7.59
N PHE A 467 19.99 -20.24 -6.79
CA PHE A 467 19.66 -18.93 -6.23
C PHE A 467 19.53 -17.85 -7.30
N LYS A 468 20.15 -18.04 -8.45
CA LYS A 468 20.12 -17.04 -9.52
CA LYS A 468 20.13 -17.05 -9.53
C LYS A 468 19.17 -17.42 -10.65
N THR A 469 18.45 -18.53 -10.53
CA THR A 469 17.49 -18.95 -11.53
C THR A 469 16.17 -18.20 -11.35
N PHE A 470 15.49 -17.94 -12.47
CA PHE A 470 14.18 -17.28 -12.46
C PHE A 470 13.19 -18.17 -13.22
N THR A 471 12.16 -18.67 -12.51
CA THR A 471 11.21 -19.59 -13.14
CA THR A 471 11.20 -19.59 -13.13
C THR A 471 10.29 -18.90 -14.13
N GLY A 472 10.02 -17.61 -13.94
CA GLY A 472 9.11 -16.96 -14.86
C GLY A 472 7.68 -17.41 -14.67
N ASN A 473 6.89 -17.22 -15.73
CA ASN A 473 5.47 -17.56 -15.76
C ASN A 473 4.65 -16.79 -14.73
N THR A 474 5.07 -15.55 -14.41
CA THR A 474 4.20 -14.63 -13.70
C THR A 474 3.51 -13.75 -14.72
N PRO A 475 2.17 -13.76 -14.79
CA PRO A 475 1.46 -13.07 -15.86
C PRO A 475 1.23 -11.60 -15.55
N THR A 476 1.19 -10.80 -16.62
CA THR A 476 0.93 -9.38 -16.50
C THR A 476 0.07 -8.88 -17.66
N ASN A 477 -0.64 -7.79 -17.39
CA ASN A 477 -1.11 -6.88 -18.43
C ASN A 477 -0.17 -5.68 -18.49
N SER A 478 -0.04 -5.08 -19.66
CA SER A 478 0.65 -3.80 -19.80
C SER A 478 -0.27 -2.80 -20.51
N PHE A 479 -0.44 -1.62 -19.90
CA PHE A 479 -1.14 -0.49 -20.51
C PHE A 479 -0.12 0.56 -20.87
N ILE A 480 -0.20 1.10 -22.09
CA ILE A 480 0.54 2.31 -22.46
C ILE A 480 -0.46 3.33 -22.98
N PHE A 481 -0.63 4.42 -22.23
CA PHE A 481 -1.30 5.64 -22.70
C PHE A 481 -0.24 6.60 -23.27
N GLU A 482 -0.67 7.53 -24.12
CA GLU A 482 0.29 8.49 -24.66
CA GLU A 482 0.30 8.48 -24.66
C GLU A 482 0.79 9.44 -23.58
N GLU A 483 -0.10 9.91 -22.70
CA GLU A 483 0.28 10.91 -21.71
CA GLU A 483 0.28 10.89 -21.70
C GLU A 483 -0.74 10.88 -20.58
N LEU A 484 -0.30 11.29 -19.39
CA LEU A 484 -1.17 11.39 -18.22
C LEU A 484 -1.82 12.77 -18.26
N THR A 485 -3.14 12.78 -18.47
CA THR A 485 -3.97 13.98 -18.55
C THR A 485 -5.22 13.72 -17.73
N PRO A 486 -6.03 14.74 -17.41
CA PRO A 486 -7.31 14.44 -16.76
C PRO A 486 -8.11 13.39 -17.51
N PHE A 487 -8.17 13.50 -18.84
CA PHE A 487 -8.95 12.56 -19.64
C PHE A 487 -8.42 11.14 -19.50
N THR A 488 -7.10 10.93 -19.64
CA THR A 488 -6.62 9.55 -19.62
C THR A 488 -6.68 8.96 -18.21
N LEU A 489 -6.61 9.81 -17.18
CA LEU A 489 -6.82 9.30 -15.82
C LEU A 489 -8.27 8.84 -15.65
N GLY A 490 -9.22 9.61 -16.19
CA GLY A 490 -10.62 9.20 -16.13
C GLY A 490 -10.85 7.89 -16.85
N GLN A 491 -10.24 7.73 -18.04
CA GLN A 491 -10.33 6.46 -18.76
C GLN A 491 -9.88 5.30 -17.88
N LEU A 492 -8.74 5.49 -17.19
CA LEU A 492 -8.09 4.41 -16.45
C LEU A 492 -8.90 4.01 -15.21
N ILE A 493 -9.32 5.00 -14.41
CA ILE A 493 -10.15 4.70 -13.24
C ILE A 493 -11.40 3.92 -13.67
N ALA A 494 -12.06 4.40 -14.73
CA ALA A 494 -13.28 3.77 -15.18
C ALA A 494 -13.03 2.35 -15.69
N PHE A 495 -11.85 2.05 -16.27
CA PHE A 495 -11.57 0.68 -16.65
C PHE A 495 -11.68 -0.24 -15.45
N TYR A 496 -11.10 0.18 -14.32
CA TYR A 496 -11.14 -0.66 -13.14
C TYR A 496 -12.53 -0.70 -12.54
N GLU A 497 -13.28 0.41 -12.57
CA GLU A 497 -14.66 0.35 -12.10
C GLU A 497 -15.40 -0.76 -12.82
N HIS A 498 -15.24 -0.84 -14.12
CA HIS A 498 -15.99 -1.84 -14.85
C HIS A 498 -15.39 -3.25 -14.73
N LYS A 499 -14.06 -3.37 -14.58
CA LYS A 499 -13.49 -4.67 -14.23
C LYS A 499 -14.16 -5.24 -13.00
N ILE A 500 -14.27 -4.40 -11.95
CA ILE A 500 -14.86 -4.81 -10.69
C ILE A 500 -16.32 -5.23 -10.92
N PHE A 501 -17.04 -4.49 -11.73
CA PHE A 501 -18.43 -4.83 -12.02
C PHE A 501 -18.53 -6.19 -12.70
N VAL A 502 -17.67 -6.42 -13.71
CA VAL A 502 -17.66 -7.69 -14.43
C VAL A 502 -17.42 -8.86 -13.48
N GLN A 503 -16.45 -8.70 -12.56
CA GLN A 503 -16.13 -9.80 -11.65
C GLN A 503 -17.26 -10.04 -10.66
N GLY A 504 -17.90 -8.98 -10.17
CA GLY A 504 -19.04 -9.15 -9.29
C GLY A 504 -20.20 -9.85 -9.98
N VAL A 505 -20.44 -9.51 -11.25
CA VAL A 505 -21.48 -10.21 -12.01
C VAL A 505 -21.17 -11.70 -12.07
N ILE A 506 -19.95 -12.05 -12.48
CA ILE A 506 -19.59 -13.45 -12.67
C ILE A 506 -19.61 -14.20 -11.34
N TRP A 507 -19.05 -13.60 -10.28
CA TRP A 507 -19.03 -14.25 -8.97
C TRP A 507 -20.39 -14.30 -8.30
N ASN A 508 -21.43 -13.73 -8.93
CA ASN A 508 -22.78 -13.80 -8.40
C ASN A 508 -22.87 -13.14 -7.02
N ILE A 509 -22.16 -12.01 -6.84
CA ILE A 509 -22.20 -11.29 -5.57
C ILE A 509 -22.74 -9.88 -5.81
N PHE A 510 -22.94 -9.14 -4.71
CA PHE A 510 -23.43 -7.76 -4.75
C PHE A 510 -22.25 -6.83 -4.57
N SER A 511 -21.85 -6.14 -5.64
CA SER A 511 -20.65 -5.32 -5.61
C SER A 511 -20.87 -3.97 -4.97
N PHE A 512 -22.11 -3.58 -4.63
CA PHE A 512 -22.36 -2.17 -4.35
C PHE A 512 -22.89 -1.92 -2.95
N ASP A 513 -22.95 -2.93 -2.10
CA ASP A 513 -23.24 -2.75 -0.67
C ASP A 513 -21.98 -2.98 0.15
N GLN A 514 -22.11 -2.85 1.47
CA GLN A 514 -20.96 -3.02 2.35
C GLN A 514 -21.44 -3.29 3.78
N TRP A 515 -22.17 -4.38 3.95
CA TRP A 515 -22.63 -4.76 5.28
C TRP A 515 -21.48 -5.12 6.21
N GLY A 516 -20.30 -5.42 5.67
CA GLY A 516 -19.19 -5.85 6.49
C GLY A 516 -18.60 -4.77 7.36
N VAL A 517 -19.04 -3.51 7.21
CA VAL A 517 -18.49 -2.46 8.06
C VAL A 517 -19.29 -2.27 9.35
N GLU A 518 -20.46 -2.92 9.48
CA GLU A 518 -21.39 -2.59 10.56
C GLU A 518 -20.91 -3.09 11.91
N LEU A 519 -20.28 -4.26 11.97
CA LEU A 519 -19.99 -4.88 13.27
C LEU A 519 -18.94 -4.07 14.03
N GLY A 520 -17.84 -3.70 13.35
CA GLY A 520 -16.82 -2.89 14.00
C GLY A 520 -17.35 -1.56 14.49
N LYS A 521 -18.27 -0.95 13.75
CA LYS A 521 -18.85 0.32 14.19
C LYS A 521 -19.68 0.11 15.45
N ALA A 522 -20.52 -0.93 15.47
CA ALA A 522 -21.34 -1.21 16.65
C ALA A 522 -20.49 -1.49 17.88
N LEU A 523 -19.41 -2.26 17.70
CA LEU A 523 -18.59 -2.60 18.85
C LEU A 523 -17.80 -1.40 19.35
N ALA A 524 -17.35 -0.52 18.44
CA ALA A 524 -16.66 0.68 18.89
C ALA A 524 -17.61 1.62 19.61
N ASN A 525 -18.87 1.66 19.19
CA ASN A 525 -19.85 2.50 19.88
C ASN A 525 -20.02 2.07 21.33
N LYS A 526 -19.92 0.76 21.60
CA LYS A 526 -20.04 0.31 22.97
C LYS A 526 -18.79 0.60 23.78
N ILE A 527 -17.62 0.55 23.14
CA ILE A 527 -16.38 0.72 23.88
C ILE A 527 -16.10 2.18 24.22
N LEU A 528 -16.47 3.13 23.35
CA LEU A 528 -16.08 4.52 23.58
C LEU A 528 -16.44 5.04 24.97
N PRO A 529 -17.68 4.94 25.47
CA PRO A 529 -17.95 5.44 26.83
C PRO A 529 -17.18 4.68 27.90
N GLU A 530 -16.78 3.43 27.63
CA GLU A 530 -15.99 2.69 28.60
C GLU A 530 -14.59 3.24 28.74
N LEU A 531 -14.05 3.85 27.67
CA LEU A 531 -12.72 4.43 27.74
C LEU A 531 -12.67 5.73 28.51
N GLU A 532 -13.79 6.44 28.58
CA GLU A 532 -13.80 7.77 29.18
C GLU A 532 -14.02 7.73 30.69
N ASN A 533 -14.55 6.64 31.22
CA ASN A 533 -14.72 6.53 32.67
C ASN A 533 -13.44 5.95 33.29
N THR A 534 -13.43 5.88 34.62
CA THR A 534 -12.27 5.42 35.37
C THR A 534 -12.39 3.98 35.84
N ALA A 535 -13.43 3.27 35.41
CA ALA A 535 -13.69 1.94 35.93
C ALA A 535 -12.82 0.88 35.25
N GLU A 536 -12.52 -0.18 35.99
CA GLU A 536 -11.95 -1.37 35.37
C GLU A 536 -13.01 -2.04 34.52
N ILE A 537 -12.66 -2.37 33.28
CA ILE A 537 -13.62 -2.88 32.31
C ILE A 537 -13.55 -4.40 32.30
N THR A 538 -14.71 -5.03 32.46
CA THR A 538 -14.82 -6.48 32.53
C THR A 538 -15.91 -7.02 31.61
N SER A 539 -16.47 -6.18 30.74
CA SER A 539 -17.67 -6.50 29.98
C SER A 539 -17.41 -7.27 28.70
N HIS A 540 -16.16 -7.47 28.31
CA HIS A 540 -15.83 -8.10 27.05
C HIS A 540 -15.13 -9.44 27.29
N ASP A 541 -14.62 -10.03 26.21
CA ASP A 541 -13.67 -11.12 26.34
C ASP A 541 -12.42 -10.63 27.07
N SER A 542 -11.60 -11.57 27.55
CA SER A 542 -10.49 -11.17 28.39
C SER A 542 -9.41 -10.38 27.64
N SER A 543 -9.31 -10.54 26.31
CA SER A 543 -8.32 -9.78 25.56
C SER A 543 -8.76 -8.32 25.41
N THR A 544 -9.97 -8.09 24.91
CA THR A 544 -10.50 -6.74 24.85
C THR A 544 -10.46 -6.08 26.22
N ASN A 545 -10.84 -6.82 27.28
CA ASN A 545 -10.74 -6.25 28.62
C ASN A 545 -9.31 -5.87 28.96
N GLY A 546 -8.36 -6.78 28.70
CA GLY A 546 -6.98 -6.53 29.09
C GLY A 546 -6.35 -5.38 28.33
N LEU A 547 -6.66 -5.26 27.04
CA LEU A 547 -6.17 -4.15 26.23
C LEU A 547 -6.75 -2.82 26.70
N ILE A 548 -8.05 -2.78 26.96
CA ILE A 548 -8.67 -1.54 27.44
C ILE A 548 -8.07 -1.13 28.78
N ASN A 549 -7.90 -2.09 29.69
CA ASN A 549 -7.42 -1.72 31.02
C ASN A 549 -5.95 -1.31 30.98
N PHE A 550 -5.14 -1.95 30.13
CA PHE A 550 -3.77 -1.46 29.95
C PHE A 550 -3.76 -0.04 29.40
N TYR A 551 -4.59 0.22 28.39
CA TYR A 551 -4.72 1.55 27.82
C TYR A 551 -5.08 2.58 28.88
N LYS A 552 -6.05 2.26 29.74
CA LYS A 552 -6.46 3.23 30.75
C LYS A 552 -5.33 3.56 31.72
N LYS A 553 -4.45 2.60 32.00
CA LYS A 553 -3.35 2.88 32.91
C LYS A 553 -2.29 3.78 32.29
N HIS A 554 -2.22 3.84 30.95
CA HIS A 554 -1.16 4.55 30.27
C HIS A 554 -1.62 5.75 29.46
N LYS A 555 -2.92 6.02 29.43
CA LYS A 555 -3.44 7.08 28.56
C LYS A 555 -3.20 8.47 29.13
N SER B 10 27.54 -21.65 7.67
CA SER B 10 27.41 -20.95 8.95
C SER B 10 26.11 -21.35 9.67
N LEU B 11 24.98 -20.79 9.27
CA LEU B 11 23.71 -21.22 9.83
C LEU B 11 23.49 -22.70 9.59
N ASN B 12 22.78 -23.34 10.52
CA ASN B 12 22.34 -24.70 10.27
C ASN B 12 21.34 -24.72 9.12
N THR B 13 21.11 -25.91 8.57
CA THR B 13 20.34 -26.03 7.32
C THR B 13 19.21 -27.04 7.47
N ILE B 14 18.50 -26.95 8.58
CA ILE B 14 17.42 -27.89 8.87
C ILE B 14 16.19 -27.56 8.01
N ASN B 15 15.71 -28.55 7.27
CA ASN B 15 14.46 -28.44 6.52
C ASN B 15 13.30 -28.50 7.51
N PRO B 16 12.51 -27.43 7.68
CA PRO B 16 11.45 -27.46 8.69
C PRO B 16 10.45 -28.59 8.49
N THR B 17 10.18 -28.96 7.23
CA THR B 17 9.16 -29.97 6.97
C THR B 17 9.60 -31.36 7.37
N GLU B 18 10.87 -31.53 7.71
CA GLU B 18 11.41 -32.82 8.13
C GLU B 18 11.54 -32.95 9.64
N THR B 19 11.17 -31.92 10.40
CA THR B 19 11.31 -31.96 11.85
C THR B 19 10.16 -32.72 12.50
N LYS B 20 10.42 -33.22 13.72
CA LYS B 20 9.36 -33.87 14.47
C LYS B 20 8.27 -32.86 14.84
N ALA B 21 8.67 -31.63 15.19
CA ALA B 21 7.69 -30.61 15.55
C ALA B 21 6.75 -30.30 14.38
N TRP B 22 7.29 -30.22 13.17
CA TRP B 22 6.44 -29.96 12.01
C TRP B 22 5.39 -31.06 11.84
N ALA B 23 5.80 -32.31 12.02
CA ALA B 23 4.86 -33.42 11.88
C ALA B 23 3.78 -33.35 12.94
N GLN B 24 4.15 -33.00 14.17
CA GLN B 24 3.17 -32.88 15.25
C GLN B 24 2.23 -31.72 14.99
N LEU B 25 2.75 -30.61 14.45
CA LEU B 25 1.89 -29.48 14.10
C LEU B 25 0.91 -29.86 13.01
N LYS B 26 1.35 -30.63 12.01
CA LYS B 26 0.43 -31.08 10.98
C LYS B 26 -0.69 -31.92 11.58
N GLU B 27 -0.33 -32.87 12.45
CA GLU B 27 -1.31 -33.73 13.09
C GLU B 27 -2.27 -32.91 13.96
N HIS B 28 -1.72 -32.00 14.76
CA HIS B 28 -2.54 -31.17 15.63
C HIS B 28 -3.50 -30.28 14.82
N PHE B 29 -3.02 -29.71 13.72
CA PHE B 29 -3.87 -28.86 12.88
C PHE B 29 -5.01 -29.67 12.27
N ALA B 30 -4.71 -30.89 11.82
CA ALA B 30 -5.70 -31.68 11.10
C ALA B 30 -6.85 -32.13 11.98
N GLU B 31 -6.64 -32.21 13.29
CA GLU B 31 -7.64 -32.77 14.19
C GLU B 31 -8.22 -31.74 15.16
N THR B 32 -7.89 -30.46 15.00
CA THR B 32 -8.31 -29.42 15.93
C THR B 32 -9.04 -28.32 15.19
N ASP B 33 -10.21 -27.94 15.70
CA ASP B 33 -10.88 -26.72 15.27
C ASP B 33 -10.47 -25.60 16.20
N PHE B 34 -9.83 -24.56 15.64
CA PHE B 34 -9.42 -23.41 16.43
C PHE B 34 -10.50 -22.35 16.30
N ASP B 35 -11.26 -22.18 17.37
CA ASP B 35 -12.33 -21.19 17.42
C ASP B 35 -12.04 -20.22 18.56
N LEU B 36 -11.90 -18.94 18.23
CA LEU B 36 -11.50 -17.97 19.24
C LEU B 36 -12.58 -17.80 20.31
N LYS B 37 -13.84 -17.73 19.90
CA LYS B 37 -14.91 -17.62 20.89
C LYS B 37 -14.85 -18.77 21.89
N GLN B 38 -14.63 -19.99 21.40
CA GLN B 38 -14.60 -21.14 22.29
C GLN B 38 -13.36 -21.11 23.19
N LEU B 39 -12.20 -20.74 22.63
CA LEU B 39 -10.99 -20.65 23.43
C LEU B 39 -11.14 -19.63 24.56
N PHE B 40 -11.79 -18.50 24.29
CA PHE B 40 -11.91 -17.47 25.32
C PHE B 40 -12.96 -17.83 26.35
N THR B 41 -14.06 -18.45 25.92
CA THR B 41 -15.10 -18.86 26.86
C THR B 41 -14.59 -19.92 27.82
N GLU B 42 -13.65 -20.75 27.40
CA GLU B 42 -13.25 -21.88 28.21
C GLU B 42 -12.18 -21.57 29.24
N ASP B 43 -11.49 -20.44 29.12
CA ASP B 43 -10.45 -20.07 30.09
C ASP B 43 -10.48 -18.55 30.29
N LYS B 44 -10.91 -18.12 31.47
CA LYS B 44 -10.87 -16.70 31.82
C LYS B 44 -9.45 -16.15 31.84
N SER B 45 -8.45 -17.02 31.88
CA SER B 45 -7.05 -16.61 31.96
C SER B 45 -6.40 -16.48 30.61
N ARG B 46 -7.14 -16.58 29.50
CA ARG B 46 -6.50 -16.68 28.19
C ARG B 46 -5.66 -15.45 27.87
N PHE B 47 -6.20 -14.24 28.09
CA PHE B 47 -5.41 -13.04 27.86
C PHE B 47 -4.12 -13.06 28.69
N SER B 48 -4.23 -13.38 29.97
CA SER B 48 -3.04 -13.38 30.82
CA SER B 48 -3.05 -13.40 30.84
C SER B 48 -2.04 -14.43 30.36
N GLU B 49 -2.52 -15.57 29.84
CA GLU B 49 -1.60 -16.62 29.42
C GLU B 49 -0.95 -16.36 28.07
N PHE B 50 -1.60 -15.56 27.21
CA PHE B 50 -1.12 -15.34 25.85
C PHE B 50 -0.86 -13.85 25.60
N SER B 51 -0.19 -13.20 26.55
CA SER B 51 0.23 -11.82 26.40
C SER B 51 1.51 -11.60 27.17
N ILE B 52 2.28 -10.61 26.71
CA ILE B 52 3.54 -10.22 27.33
C ILE B 52 3.47 -8.74 27.64
N GLN B 53 3.73 -8.38 28.89
CA GLN B 53 3.81 -6.99 29.30
C GLN B 53 5.26 -6.67 29.59
N LYS B 54 5.80 -5.67 28.91
CA LYS B 54 7.22 -5.36 28.94
C LYS B 54 7.33 -3.85 29.17
N GLU B 55 7.54 -3.45 30.42
CA GLU B 55 7.55 -2.05 30.82
C GLU B 55 6.29 -1.35 30.32
N ASN B 56 6.45 -0.31 29.49
CA ASN B 56 5.32 0.48 29.00
C ASN B 56 4.72 -0.11 27.72
N LEU B 57 4.79 -1.42 27.55
CA LEU B 57 4.38 -2.07 26.31
C LEU B 57 3.59 -3.33 26.62
N LEU B 58 2.49 -3.50 25.90
CA LEU B 58 1.69 -4.73 25.96
C LEU B 58 1.67 -5.35 24.57
N PHE B 59 2.12 -6.60 24.47
CA PHE B 59 2.02 -7.40 23.26
C PHE B 59 1.03 -8.53 23.54
N ASP B 60 -0.17 -8.40 23.00
CA ASP B 60 -1.27 -9.33 23.24
C ASP B 60 -1.41 -10.24 22.02
N PHE B 61 -1.05 -11.52 22.17
CA PHE B 61 -1.21 -12.50 21.10
C PHE B 61 -2.34 -13.48 21.38
N SER B 62 -3.26 -13.13 22.29
CA SER B 62 -4.31 -14.07 22.69
C SER B 62 -5.39 -14.24 21.63
N LYS B 63 -5.54 -13.30 20.69
CA LYS B 63 -6.52 -13.48 19.61
C LYS B 63 -5.93 -14.26 18.43
N ASN B 64 -4.87 -15.03 18.65
CA ASN B 64 -4.32 -15.91 17.63
C ASN B 64 -5.01 -17.27 17.68
N LEU B 65 -5.08 -17.93 16.51
CA LEU B 65 -5.72 -19.24 16.40
C LEU B 65 -4.76 -20.33 16.90
N VAL B 66 -4.48 -20.29 18.20
CA VAL B 66 -3.62 -21.27 18.84
C VAL B 66 -4.22 -21.65 20.18
N ASP B 67 -4.10 -22.94 20.53
CA ASP B 67 -4.27 -23.38 21.89
C ASP B 67 -2.90 -23.60 22.51
N LYS B 68 -2.89 -24.07 23.77
CA LYS B 68 -1.63 -24.28 24.46
C LYS B 68 -0.74 -25.26 23.71
N LYS B 69 -1.33 -26.33 23.20
CA LYS B 69 -0.55 -27.35 22.49
C LYS B 69 0.07 -26.78 21.22
N ALA B 70 -0.70 -26.02 20.43
CA ALA B 70 -0.13 -25.44 19.23
C ALA B 70 1.00 -24.47 19.57
N PHE B 71 0.81 -23.67 20.61
CA PHE B 71 1.81 -22.70 21.02
C PHE B 71 3.10 -23.40 21.42
N GLN B 72 3.00 -24.43 22.25
CA GLN B 72 4.19 -25.19 22.66
C GLN B 72 4.89 -25.81 21.45
N LEU B 73 4.12 -26.33 20.49
CA LEU B 73 4.76 -26.99 19.34
C LEU B 73 5.45 -25.98 18.43
N LEU B 74 4.89 -24.78 18.30
CA LEU B 74 5.55 -23.75 17.49
C LEU B 74 6.89 -23.36 18.11
N LEU B 75 6.95 -23.26 19.43
CA LEU B 75 8.24 -23.03 20.09
C LEU B 75 9.18 -24.21 19.89
N ALA B 76 8.64 -25.43 19.92
CA ALA B 76 9.46 -26.62 19.69
C ALA B 76 10.05 -26.61 18.28
N LEU B 77 9.30 -26.09 17.31
CA LEU B 77 9.81 -25.99 15.94
C LEU B 77 11.00 -25.05 15.88
N ALA B 78 10.88 -23.88 16.51
CA ALA B 78 11.99 -22.94 16.58
C ALA B 78 13.23 -23.59 17.16
N GLU B 79 13.07 -24.34 18.25
CA GLU B 79 14.22 -24.99 18.89
C GLU B 79 14.80 -26.09 18.03
N GLU B 80 13.94 -26.87 17.35
CA GLU B 80 14.46 -27.95 16.50
CA GLU B 80 14.46 -27.95 16.50
C GLU B 80 15.17 -27.41 15.26
N CYS B 81 14.88 -26.17 14.86
CA CYS B 81 15.57 -25.50 13.78
C CYS B 81 16.81 -24.77 14.26
N HIS B 82 17.14 -24.89 15.55
CA HIS B 82 18.36 -24.34 16.15
C HIS B 82 18.39 -22.81 16.08
N LEU B 83 17.26 -22.20 16.42
CA LEU B 83 17.18 -20.74 16.40
C LEU B 83 18.16 -20.10 17.38
N ASN B 84 18.38 -20.71 18.53
CA ASN B 84 19.32 -20.12 19.49
C ASN B 84 20.71 -19.99 18.89
N ASP B 85 21.18 -21.04 18.21
CA ASP B 85 22.46 -20.99 17.51
C ASP B 85 22.46 -19.90 16.44
N ALA B 86 21.38 -19.80 15.68
CA ALA B 86 21.30 -18.81 14.61
C ALA B 86 21.42 -17.39 15.15
N ILE B 87 20.74 -17.10 16.27
CA ILE B 87 20.75 -15.77 16.84
C ILE B 87 22.19 -15.34 17.14
N GLU B 88 22.95 -16.22 17.79
CA GLU B 88 24.30 -15.84 18.17
C GLU B 88 25.20 -15.70 16.94
N LYS B 89 24.99 -16.53 15.92
CA LYS B 89 25.79 -16.41 14.71
C LYS B 89 25.60 -15.05 14.04
N MET B 90 24.36 -14.53 14.02
CA MET B 90 24.16 -13.19 13.49
C MET B 90 24.82 -12.14 14.37
N PHE B 91 24.53 -12.16 15.67
CA PHE B 91 24.99 -11.07 16.55
C PHE B 91 26.51 -11.00 16.63
N THR B 92 27.19 -12.15 16.62
CA THR B 92 28.64 -12.16 16.80
C THR B 92 29.39 -11.97 15.48
N GLY B 93 28.69 -11.80 14.37
CA GLY B 93 29.36 -11.50 13.12
C GLY B 93 29.80 -12.68 12.28
N ASP B 94 29.26 -13.88 12.53
CA ASP B 94 29.53 -14.98 11.62
C ASP B 94 28.96 -14.66 10.24
N LEU B 95 29.57 -15.25 9.22
CA LEU B 95 29.26 -14.90 7.83
C LEU B 95 28.02 -15.66 7.39
N ILE B 96 26.89 -15.31 8.00
CA ILE B 96 25.66 -16.08 7.74
C ILE B 96 25.04 -15.79 6.38
N ASN B 97 25.41 -14.69 5.73
CA ASN B 97 25.01 -14.42 4.33
C ASN B 97 25.99 -15.19 3.46
N GLN B 98 25.68 -16.47 3.20
CA GLN B 98 26.64 -17.34 2.56
C GLN B 98 26.78 -17.09 1.06
N THR B 99 25.68 -16.72 0.37
CA THR B 99 25.82 -16.57 -1.08
C THR B 99 26.67 -15.37 -1.45
N GLU B 100 26.77 -14.37 -0.56
CA GLU B 100 27.63 -13.22 -0.78
C GLU B 100 28.84 -13.21 0.15
N ASN B 101 28.96 -14.22 1.01
CA ASN B 101 30.06 -14.38 1.95
C ASN B 101 30.28 -13.12 2.81
N ARG B 102 29.23 -12.74 3.54
CA ARG B 102 29.23 -11.51 4.33
C ARG B 102 28.60 -11.76 5.69
N ALA B 103 28.99 -10.92 6.66
CA ALA B 103 28.29 -10.84 7.93
C ALA B 103 26.98 -10.05 7.79
N VAL B 104 26.15 -10.11 8.82
CA VAL B 104 24.84 -9.46 8.85
C VAL B 104 24.78 -8.73 10.18
N LEU B 105 25.08 -7.43 10.17
CA LEU B 105 25.42 -6.77 11.43
C LEU B 105 24.74 -5.41 11.55
N HIS B 106 23.50 -5.29 11.07
CA HIS B 106 22.75 -4.08 11.39
C HIS B 106 22.61 -3.89 12.91
N THR B 107 22.61 -4.99 13.67
CA THR B 107 22.53 -4.88 15.12
C THR B 107 23.74 -4.16 15.70
N ALA B 108 24.92 -4.33 15.10
CA ALA B 108 26.10 -3.65 15.61
C ALA B 108 26.04 -2.15 15.39
N LEU B 109 25.19 -1.68 14.46
CA LEU B 109 25.07 -0.25 14.22
C LEU B 109 24.53 0.50 15.42
N ARG B 110 23.82 -0.20 16.30
CA ARG B 110 23.12 0.44 17.41
C ARG B 110 23.52 -0.17 18.75
N ASN B 111 24.71 -0.76 18.83
CA ASN B 111 25.20 -1.27 20.11
C ASN B 111 26.12 -0.29 20.83
N PHE B 112 26.42 0.86 20.23
CA PHE B 112 27.15 1.96 20.89
C PHE B 112 28.46 1.50 21.52
N GLY B 113 29.12 0.53 20.88
CA GLY B 113 30.41 0.08 21.35
C GLY B 113 30.38 -0.78 22.59
N GLU B 114 29.19 -1.16 23.07
CA GLU B 114 29.11 -1.99 24.26
C GLU B 114 29.54 -3.44 23.97
N GLU B 115 29.65 -3.83 22.71
CA GLU B 115 30.21 -5.09 22.30
C GLU B 115 31.22 -4.80 21.19
N LYS B 116 32.29 -5.58 21.14
CA LYS B 116 33.37 -5.39 20.16
C LYS B 116 33.29 -6.50 19.11
N ILE B 117 32.54 -6.24 18.05
CA ILE B 117 32.32 -7.21 16.98
C ILE B 117 33.48 -7.12 16.00
N VAL B 118 33.94 -8.28 15.53
CA VAL B 118 35.12 -8.37 14.69
C VAL B 118 34.68 -8.76 13.27
N VAL B 119 35.18 -8.02 12.28
CA VAL B 119 34.93 -8.32 10.88
C VAL B 119 36.26 -8.18 10.14
N ASN B 120 36.63 -9.23 9.41
CA ASN B 120 37.91 -9.25 8.70
C ASN B 120 39.07 -8.98 9.66
N GLY B 121 38.99 -9.57 10.85
CA GLY B 121 40.06 -9.46 11.81
C GLY B 121 40.17 -8.13 12.53
N LYS B 122 39.22 -7.22 12.36
CA LYS B 122 39.30 -5.92 12.99
C LYS B 122 37.96 -5.58 13.65
N SER B 123 38.03 -5.00 14.84
CA SER B 123 36.83 -4.51 15.51
C SER B 123 36.16 -3.43 14.68
N ILE B 124 34.82 -3.48 14.63
CA ILE B 124 34.04 -2.53 13.83
C ILE B 124 33.51 -1.36 14.64
N ASP B 125 33.54 -1.43 15.98
CA ASP B 125 32.83 -0.44 16.78
C ASP B 125 33.38 0.96 16.57
N GLU B 126 34.70 1.10 16.36
CA GLU B 126 35.29 2.42 16.14
C GLU B 126 34.82 3.02 14.82
N ASP B 127 34.71 2.20 13.77
CA ASP B 127 34.14 2.67 12.51
C ASP B 127 32.70 3.14 12.68
N VAL B 128 31.87 2.35 13.37
CA VAL B 128 30.46 2.70 13.52
C VAL B 128 30.33 4.03 14.26
N GLN B 129 31.08 4.19 15.35
N GLN B 129 31.06 4.18 15.38
CA GLN B 129 30.95 5.39 16.16
CA GLN B 129 30.94 5.41 16.15
C GLN B 129 31.55 6.61 15.46
C GLN B 129 31.49 6.60 15.39
N ARG B 130 32.55 6.40 14.60
CA ARG B 130 33.13 7.51 13.87
CA ARG B 130 33.14 7.51 13.86
C ARG B 130 32.11 8.13 12.92
N VAL B 131 31.36 7.30 12.21
CA VAL B 131 30.36 7.83 11.29
C VAL B 131 29.21 8.48 12.04
N LEU B 132 28.77 7.86 13.15
CA LEU B 132 27.73 8.49 13.96
C LEU B 132 28.15 9.88 14.43
N ASN B 133 29.39 10.02 14.92
CA ASN B 133 29.86 11.32 15.35
CA ASN B 133 29.88 11.32 15.34
C ASN B 133 29.97 12.28 14.18
N GLN B 134 30.36 11.78 13.00
CA GLN B 134 30.41 12.63 11.83
C GLN B 134 29.03 13.15 11.46
N MET B 135 28.01 12.30 11.58
CA MET B 135 26.65 12.76 11.31
CA MET B 135 26.64 12.74 11.32
C MET B 135 26.18 13.76 12.35
N LYS B 136 26.55 13.55 13.62
CA LYS B 136 26.18 14.48 14.67
C LYS B 136 26.74 15.87 14.41
N ILE B 137 28.05 15.96 14.14
CA ILE B 137 28.71 17.26 13.94
C ILE B 137 28.16 17.95 12.69
N PHE B 138 27.97 17.18 11.61
CA PHE B 138 27.46 17.77 10.38
C PHE B 138 26.03 18.27 10.57
N SER B 139 25.16 17.47 11.18
CA SER B 139 23.78 17.88 11.35
C SER B 139 23.69 19.13 12.22
N GLU B 140 24.56 19.24 13.23
CA GLU B 140 24.53 20.42 14.08
C GLU B 140 24.87 21.69 13.29
N LYS B 141 25.78 21.61 12.34
CA LYS B 141 26.10 22.82 11.59
C LYS B 141 25.03 23.17 10.56
N ILE B 142 24.29 22.19 10.05
CA ILE B 142 23.14 22.52 9.20
C ILE B 142 22.00 23.10 10.03
N ILE B 143 21.59 22.36 11.07
CA ILE B 143 20.42 22.75 11.85
C ILE B 143 20.62 24.10 12.54
N SER B 144 21.81 24.33 13.10
CA SER B 144 22.08 25.59 13.77
C SER B 144 22.16 26.77 12.83
N GLY B 145 22.29 26.52 11.53
CA GLY B 145 22.50 27.58 10.58
C GLY B 145 23.95 28.01 10.41
N GLU B 146 24.89 27.37 11.10
CA GLU B 146 26.31 27.71 10.93
C GLU B 146 26.75 27.46 9.48
N HIS B 147 26.33 26.35 8.89
CA HIS B 147 26.64 26.03 7.51
C HIS B 147 25.77 26.87 6.59
N LYS B 148 26.40 27.67 5.73
CA LYS B 148 25.68 28.54 4.82
C LYS B 148 25.65 27.97 3.41
N GLY B 149 24.54 28.21 2.72
CA GLY B 149 24.49 27.99 1.29
C GLY B 149 25.40 28.98 0.58
N PHE B 150 25.46 28.85 -0.75
CA PHE B 150 26.46 29.57 -1.52
C PHE B 150 26.23 31.08 -1.56
N SER B 151 25.04 31.55 -1.17
CA SER B 151 24.78 32.99 -1.08
C SER B 151 24.73 33.50 0.36
N GLY B 152 25.09 32.66 1.33
CA GLY B 152 25.15 33.08 2.71
C GLY B 152 23.92 32.80 3.57
N LYS B 153 22.95 32.08 3.04
CA LYS B 153 21.70 31.80 3.75
C LYS B 153 21.79 30.44 4.42
N GLU B 154 21.13 30.29 5.56
CA GLU B 154 21.12 28.97 6.17
C GLU B 154 20.22 28.04 5.37
N ILE B 155 20.55 26.76 5.44
CA ILE B 155 19.77 25.75 4.72
C ILE B 155 18.38 25.66 5.32
N THR B 156 17.36 25.57 4.45
CA THR B 156 15.98 25.39 4.88
C THR B 156 15.36 24.08 4.43
N ASP B 157 15.89 23.43 3.40
CA ASP B 157 15.26 22.25 2.82
C ASP B 157 16.32 21.18 2.58
N VAL B 158 16.01 19.95 2.96
CA VAL B 158 16.88 18.80 2.76
C VAL B 158 16.17 17.82 1.84
N VAL B 159 16.83 17.46 0.73
CA VAL B 159 16.26 16.55 -0.27
C VAL B 159 17.11 15.28 -0.28
N ASN B 160 16.56 14.19 0.25
CA ASN B 160 17.22 12.89 0.15
C ASN B 160 16.97 12.29 -1.21
N ILE B 161 18.00 11.71 -1.82
CA ILE B 161 17.87 11.03 -3.11
C ILE B 161 18.39 9.60 -2.94
N GLY B 162 17.52 8.62 -3.21
CA GLY B 162 17.92 7.23 -3.06
C GLY B 162 16.79 6.33 -3.53
N ILE B 163 17.07 5.02 -3.57
CA ILE B 163 16.07 4.03 -3.92
C ILE B 163 16.11 2.90 -2.91
N GLY B 164 14.99 2.18 -2.82
CA GLY B 164 14.96 1.00 -1.99
C GLY B 164 15.32 1.32 -0.55
N GLY B 165 16.31 0.60 -0.05
CA GLY B 165 16.75 0.76 1.32
C GLY B 165 17.29 2.13 1.64
N SER B 166 17.66 2.90 0.63
CA SER B 166 18.13 4.27 0.83
CA SER B 166 18.13 4.26 0.86
C SER B 166 17.00 5.29 0.82
N ASP B 167 15.75 4.84 0.64
CA ASP B 167 14.58 5.72 0.62
C ASP B 167 13.50 5.32 1.61
N LEU B 168 13.13 4.02 1.65
CA LEU B 168 11.92 3.64 2.38
CA LEU B 168 11.92 3.62 2.39
C LEU B 168 12.05 3.88 3.88
N GLY B 169 13.21 3.60 4.46
CA GLY B 169 13.43 3.84 5.88
C GLY B 169 13.43 5.32 6.24
N PRO B 170 14.28 6.11 5.56
CA PRO B 170 14.19 7.56 5.73
C PRO B 170 12.77 8.10 5.63
N VAL B 171 12.02 7.70 4.60
CA VAL B 171 10.66 8.20 4.43
C VAL B 171 9.81 7.82 5.62
N MET B 172 9.87 6.54 6.02
CA MET B 172 9.00 6.03 7.07
C MET B 172 9.29 6.70 8.40
N VAL B 173 10.58 6.83 8.76
CA VAL B 173 10.94 7.35 10.06
C VAL B 173 10.68 8.85 10.14
N CYS B 174 10.96 9.57 9.06
CA CYS B 174 10.74 11.02 9.10
C CYS B 174 9.26 11.34 9.17
N SER B 175 8.42 10.56 8.48
CA SER B 175 6.99 10.75 8.66
CA SER B 175 6.99 10.72 8.65
C SER B 175 6.57 10.38 10.07
N ALA B 176 7.10 9.27 10.61
CA ALA B 176 6.62 8.80 11.91
C ALA B 176 7.02 9.73 13.04
N LEU B 177 8.14 10.44 12.89
CA LEU B 177 8.68 11.29 13.96
C LEU B 177 8.49 12.78 13.65
N LYS B 178 7.48 13.11 12.84
CA LYS B 178 7.21 14.48 12.46
C LYS B 178 7.02 15.38 13.68
N HIS B 179 6.47 14.84 14.76
CA HIS B 179 6.27 15.62 15.98
C HIS B 179 7.60 16.08 16.57
N TYR B 180 8.69 15.40 16.25
CA TYR B 180 10.01 15.69 16.80
C TYR B 180 10.89 16.45 15.82
N ARG B 181 10.30 17.14 14.86
CA ARG B 181 11.04 17.73 13.76
C ARG B 181 11.89 18.91 14.19
N THR B 182 12.99 19.10 13.47
CA THR B 182 13.77 20.34 13.50
C THR B 182 13.10 21.38 12.60
N ARG B 183 13.74 22.55 12.48
CA ARG B 183 13.22 23.59 11.59
C ARG B 183 13.32 23.20 10.13
N LEU B 184 14.15 22.23 9.78
CA LEU B 184 14.38 21.92 8.38
C LEU B 184 13.17 21.23 7.78
N ASN B 185 12.89 21.54 6.52
CA ASN B 185 11.87 20.81 5.76
C ASN B 185 12.54 19.67 5.00
N THR B 186 11.90 18.50 5.02
CA THR B 186 12.49 17.30 4.44
C THR B 186 11.71 16.86 3.21
N HIS B 187 12.43 16.32 2.24
CA HIS B 187 11.85 15.83 1.00
C HIS B 187 12.58 14.57 0.57
N PHE B 188 11.89 13.75 -0.20
CA PHE B 188 12.41 12.42 -0.57
C PHE B 188 12.14 12.14 -2.03
N VAL B 189 13.21 12.16 -2.84
CA VAL B 189 13.15 11.79 -4.25
C VAL B 189 13.65 10.36 -4.40
N SER B 190 12.91 9.53 -5.16
CA SER B 190 13.32 8.14 -5.36
C SER B 190 13.00 7.60 -6.75
N ASN B 191 11.87 8.01 -7.33
CA ASN B 191 11.49 7.45 -8.63
C ASN B 191 12.43 7.94 -9.71
N VAL B 192 12.82 7.04 -10.63
CA VAL B 192 13.55 7.50 -11.81
C VAL B 192 12.64 8.28 -12.75
N ASP B 193 11.31 8.12 -12.63
CA ASP B 193 10.38 9.04 -13.28
C ASP B 193 10.76 10.47 -12.92
N GLY B 194 11.18 11.26 -13.91
CA GLY B 194 11.67 12.61 -13.64
C GLY B 194 10.63 13.56 -13.08
N ASN B 195 9.36 13.20 -13.18
CA ASN B 195 8.32 13.98 -12.52
C ASN B 195 8.47 13.99 -11.01
N HIS B 196 9.19 13.04 -10.43
CA HIS B 196 9.34 13.07 -8.98
C HIS B 196 10.22 14.24 -8.55
N ILE B 197 11.46 14.30 -9.07
CA ILE B 197 12.33 15.41 -8.69
C ILE B 197 11.75 16.74 -9.18
N ALA B 198 11.11 16.74 -10.35
CA ALA B 198 10.59 17.99 -10.89
C ALA B 198 9.55 18.61 -9.97
N GLU B 199 8.65 17.79 -9.42
CA GLU B 199 7.64 18.32 -8.51
C GLU B 199 8.27 18.68 -7.15
N VAL B 200 9.24 17.90 -6.69
CA VAL B 200 9.84 18.17 -5.38
C VAL B 200 10.57 19.52 -5.39
N VAL B 201 11.34 19.82 -6.43
CA VAL B 201 12.15 21.04 -6.41
C VAL B 201 11.38 22.25 -6.96
N LYS B 202 10.13 22.06 -7.39
CA LYS B 202 9.40 23.11 -8.08
C LYS B 202 9.35 24.40 -7.29
N ASN B 203 9.20 24.31 -5.96
CA ASN B 203 9.10 25.49 -5.12
C ASN B 203 10.28 25.62 -4.14
N LEU B 204 11.39 24.94 -4.41
CA LEU B 204 12.58 25.06 -3.58
C LEU B 204 13.55 26.10 -4.16
N ASN B 205 14.45 26.56 -3.31
CA ASN B 205 15.41 27.59 -3.68
C ASN B 205 16.80 26.96 -3.67
N PRO B 206 17.52 26.96 -4.78
CA PRO B 206 18.87 26.36 -4.77
C PRO B 206 19.77 26.95 -3.70
N GLU B 207 19.55 28.22 -3.34
CA GLU B 207 20.39 28.87 -2.33
C GLU B 207 20.26 28.23 -0.96
N THR B 208 19.14 27.53 -0.68
CA THR B 208 18.85 27.06 0.67
C THR B 208 18.50 25.59 0.69
N THR B 209 18.87 24.84 -0.34
CA THR B 209 18.55 23.43 -0.46
C THR B 209 19.82 22.58 -0.37
N LEU B 210 19.74 21.52 0.42
CA LEU B 210 20.82 20.56 0.59
C LEU B 210 20.36 19.19 0.08
N PHE B 211 21.14 18.60 -0.82
CA PHE B 211 20.85 17.28 -1.36
C PHE B 211 21.75 16.23 -0.71
N ILE B 212 21.15 15.10 -0.37
CA ILE B 212 21.85 13.92 0.13
C ILE B 212 21.73 12.85 -0.95
N ILE B 213 22.87 12.44 -1.50
CA ILE B 213 22.89 11.40 -2.53
C ILE B 213 23.28 10.09 -1.87
N ALA B 214 22.31 9.16 -1.76
CA ALA B 214 22.50 7.90 -1.03
C ALA B 214 22.68 6.78 -2.03
N SER B 215 23.92 6.33 -2.20
CA SER B 215 24.24 5.24 -3.13
C SER B 215 25.62 4.71 -2.76
N LYS B 216 25.69 3.46 -2.29
CA LYS B 216 26.99 2.94 -1.87
C LYS B 216 27.99 2.95 -3.02
N THR B 217 27.55 2.54 -4.21
CA THR B 217 28.43 2.50 -5.36
C THR B 217 28.59 3.85 -6.04
N PHE B 218 27.66 4.78 -5.80
CA PHE B 218 27.56 6.05 -6.53
C PHE B 218 27.43 5.84 -8.05
N THR B 219 26.90 4.68 -8.45
CA THR B 219 26.59 4.42 -9.85
C THR B 219 25.19 3.89 -10.06
N THR B 220 24.39 3.74 -9.01
CA THR B 220 22.98 3.35 -9.12
C THR B 220 22.28 4.20 -10.16
N GLN B 221 21.69 3.57 -11.18
CA GLN B 221 21.18 4.34 -12.31
C GLN B 221 20.10 5.31 -11.87
N GLU B 222 19.11 4.85 -11.10
CA GLU B 222 18.00 5.74 -10.74
C GLU B 222 18.50 6.90 -9.89
N THR B 223 19.25 6.60 -8.85
CA THR B 223 19.70 7.63 -7.92
C THR B 223 20.65 8.62 -8.59
N MET B 224 21.55 8.14 -9.46
CA MET B 224 22.52 9.04 -10.04
C MET B 224 21.93 9.86 -11.17
N THR B 225 20.91 9.32 -11.85
CA THR B 225 20.15 10.13 -12.79
C THR B 225 19.46 11.28 -12.08
N ASN B 226 18.82 11.00 -10.94
CA ASN B 226 18.25 12.04 -10.09
C ASN B 226 19.31 12.99 -9.57
N ALA B 227 20.45 12.45 -9.12
CA ALA B 227 21.53 13.30 -8.61
C ALA B 227 21.99 14.29 -9.66
N LEU B 228 22.18 13.83 -10.90
CA LEU B 228 22.61 14.72 -11.97
C LEU B 228 21.54 15.76 -12.28
N SER B 229 20.26 15.38 -12.25
CA SER B 229 19.21 16.38 -12.47
C SER B 229 19.18 17.41 -11.36
N ALA B 230 19.41 16.97 -10.11
CA ALA B 230 19.48 17.93 -9.02
C ALA B 230 20.64 18.90 -9.23
N LYS B 231 21.78 18.38 -9.69
CA LYS B 231 22.93 19.25 -9.93
C LYS B 231 22.66 20.23 -11.06
N GLU B 232 22.05 19.75 -12.16
CA GLU B 232 21.71 20.65 -13.26
C GLU B 232 20.74 21.75 -12.81
N TRP B 233 19.77 21.39 -11.96
CA TRP B 233 18.85 22.38 -11.39
C TRP B 233 19.60 23.37 -10.52
N PHE B 234 20.49 22.87 -9.66
CA PHE B 234 21.28 23.73 -8.80
C PHE B 234 22.12 24.71 -9.61
N LEU B 235 22.76 24.25 -10.68
CA LEU B 235 23.70 25.05 -11.45
C LEU B 235 23.02 26.14 -12.27
N LYS B 236 21.69 26.17 -12.29
CA LYS B 236 21.00 27.31 -12.89
CA LYS B 236 20.98 27.31 -12.88
C LYS B 236 21.14 28.56 -12.02
N ALA B 237 21.54 28.40 -10.76
CA ALA B 237 21.76 29.50 -9.83
C ALA B 237 23.17 29.53 -9.26
N GLY B 238 23.72 28.38 -8.88
CA GLY B 238 25.04 28.32 -8.30
C GLY B 238 26.10 27.86 -9.31
N LYS B 239 27.34 27.88 -8.84
CA LYS B 239 28.50 27.51 -9.63
C LYS B 239 29.00 26.13 -9.24
N GLU B 240 29.85 25.55 -10.11
CA GLU B 240 30.40 24.21 -9.85
C GLU B 240 31.10 24.17 -8.49
N GLU B 241 31.85 25.22 -8.15
CA GLU B 241 32.54 25.25 -6.87
C GLU B 241 31.57 25.30 -5.70
N ASP B 242 30.31 25.69 -5.93
CA ASP B 242 29.32 25.75 -4.86
C ASP B 242 28.67 24.40 -4.59
N VAL B 243 28.89 23.40 -5.44
CA VAL B 243 28.26 22.10 -5.25
C VAL B 243 28.61 21.53 -3.88
N ALA B 244 29.86 21.74 -3.44
CA ALA B 244 30.30 21.18 -2.17
C ALA B 244 29.50 21.71 -0.99
N LYS B 245 28.87 22.88 -1.11
CA LYS B 245 28.08 23.43 -0.02
C LYS B 245 26.65 22.92 -0.01
N HIS B 246 26.23 22.19 -1.04
CA HIS B 246 24.83 21.84 -1.21
C HIS B 246 24.58 20.37 -1.52
N PHE B 247 25.62 19.54 -1.54
CA PHE B 247 25.52 18.13 -1.91
C PHE B 247 26.44 17.34 -0.99
N VAL B 248 25.90 16.27 -0.38
CA VAL B 248 26.71 15.33 0.38
C VAL B 248 26.37 13.92 -0.12
N ALA B 249 27.21 12.96 0.27
CA ALA B 249 27.08 11.60 -0.26
C ALA B 249 27.10 10.59 0.87
N LEU B 250 26.21 9.59 0.76
CA LEU B 250 26.26 8.40 1.61
C LEU B 250 26.78 7.30 0.69
N SER B 251 28.07 7.00 0.76
CA SER B 251 28.72 6.23 -0.29
C SER B 251 30.08 5.78 0.20
N THR B 252 30.64 4.76 -0.49
CA THR B 252 32.03 4.38 -0.29
C THR B 252 32.87 4.54 -1.54
N ASN B 253 32.33 5.13 -2.61
CA ASN B 253 33.07 5.39 -3.84
C ASN B 253 33.63 6.82 -3.76
N ILE B 254 34.77 6.95 -3.05
CA ILE B 254 35.34 8.26 -2.76
C ILE B 254 35.62 9.02 -4.06
N GLU B 255 36.18 8.34 -5.06
CA GLU B 255 36.62 9.02 -6.26
C GLU B 255 35.45 9.53 -7.09
N ALA B 256 34.40 8.71 -7.23
CA ALA B 256 33.25 9.15 -7.99
C ALA B 256 32.54 10.31 -7.28
N VAL B 257 32.48 10.25 -5.95
CA VAL B 257 31.84 11.33 -5.19
C VAL B 257 32.62 12.63 -5.39
N LYS B 258 33.95 12.57 -5.29
CA LYS B 258 34.75 13.77 -5.50
C LYS B 258 34.57 14.31 -6.91
N ASN B 259 34.50 13.41 -7.91
CA ASN B 259 34.32 13.84 -9.29
C ASN B 259 32.99 14.58 -9.49
N PHE B 260 31.97 14.21 -8.72
CA PHE B 260 30.67 14.88 -8.75
C PHE B 260 30.75 16.32 -8.24
N GLY B 261 31.74 16.64 -7.41
CA GLY B 261 31.87 17.96 -6.83
C GLY B 261 31.63 18.02 -5.34
N ILE B 262 31.41 16.89 -4.69
CA ILE B 262 31.16 16.83 -3.26
C ILE B 262 32.48 16.81 -2.50
N ALA B 263 32.50 17.50 -1.36
CA ALA B 263 33.71 17.55 -0.54
C ALA B 263 33.98 16.20 0.11
N GLU B 264 35.25 15.80 0.13
CA GLU B 264 35.60 14.50 0.67
C GLU B 264 35.19 14.36 2.13
N GLU B 265 35.20 15.45 2.89
CA GLU B 265 34.81 15.39 4.29
C GLU B 265 33.32 15.11 4.46
N ASN B 266 32.52 15.27 3.42
CA ASN B 266 31.09 15.07 3.50
C ASN B 266 30.65 13.76 2.84
N ILE B 267 31.53 12.76 2.88
CA ILE B 267 31.19 11.40 2.49
C ILE B 267 30.99 10.60 3.76
N PHE B 268 29.85 9.93 3.87
CA PHE B 268 29.46 9.17 5.05
C PHE B 268 29.46 7.69 4.72
N GLU B 269 30.32 6.93 5.39
CA GLU B 269 30.65 5.56 5.07
C GLU B 269 29.69 4.58 5.74
N PHE B 270 29.44 3.45 5.06
CA PHE B 270 28.77 2.29 5.64
C PHE B 270 29.29 1.06 4.92
N TRP B 271 28.87 -0.13 5.37
CA TRP B 271 29.64 -1.34 5.08
C TRP B 271 28.75 -2.44 4.49
N ASP B 272 29.42 -3.45 3.91
CA ASP B 272 28.71 -4.51 3.20
C ASP B 272 27.91 -5.42 4.13
N TRP B 273 28.21 -5.41 5.43
CA TRP B 273 27.36 -6.13 6.39
C TRP B 273 26.14 -5.32 6.82
N VAL B 274 25.91 -4.17 6.21
CA VAL B 274 24.67 -3.40 6.38
C VAL B 274 23.83 -3.62 5.13
N GLY B 275 22.80 -4.47 5.22
CA GLY B 275 21.90 -4.63 4.09
C GLY B 275 21.04 -3.39 3.90
N GLY B 276 20.78 -3.04 2.64
CA GLY B 276 20.03 -1.82 2.35
C GLY B 276 18.72 -1.74 3.11
N ARG B 277 17.96 -2.84 3.14
CA ARG B 277 16.68 -2.84 3.83
C ARG B 277 16.83 -2.92 5.35
N TYR B 278 18.07 -2.88 5.86
CA TYR B 278 18.39 -2.80 7.28
C TYR B 278 19.32 -1.62 7.58
N SER B 279 19.33 -0.59 6.72
CA SER B 279 20.40 0.40 6.73
C SER B 279 20.03 1.75 7.35
N LEU B 280 18.77 1.97 7.76
CA LEU B 280 18.44 3.29 8.27
C LEU B 280 19.21 3.64 9.54
N TRP B 281 19.76 2.64 10.23
CA TRP B 281 20.53 2.83 11.45
C TRP B 281 21.96 3.29 11.20
N SER B 282 22.39 3.32 9.93
CA SER B 282 23.73 3.66 9.53
C SER B 282 23.77 5.07 8.96
N ALA B 283 24.85 5.40 8.23
CA ALA B 283 24.95 6.65 7.47
C ALA B 283 23.68 6.93 6.66
N ILE B 284 23.00 5.88 6.18
CA ILE B 284 21.80 6.05 5.37
C ILE B 284 20.73 6.83 6.13
N GLY B 285 20.80 6.82 7.46
CA GLY B 285 19.92 7.64 8.28
C GLY B 285 20.23 9.11 8.38
N LEU B 286 21.11 9.67 7.54
CA LEU B 286 21.49 11.07 7.71
C LEU B 286 20.28 11.98 7.58
N SER B 287 19.37 11.69 6.65
CA SER B 287 18.20 12.55 6.50
C SER B 287 17.34 12.52 7.77
N ILE B 288 17.32 11.40 8.49
CA ILE B 288 16.60 11.35 9.76
C ILE B 288 17.27 12.25 10.77
N VAL B 289 18.60 12.20 10.85
CA VAL B 289 19.36 13.04 11.76
C VAL B 289 19.04 14.51 11.51
N LEU B 290 18.99 14.91 10.24
CA LEU B 290 18.67 16.30 9.92
C LEU B 290 17.20 16.62 10.20
N ALA B 291 16.31 15.65 10.02
CA ALA B 291 14.88 15.91 10.15
C ALA B 291 14.44 16.06 11.60
N VAL B 292 15.05 15.32 12.53
CA VAL B 292 14.62 15.33 13.92
C VAL B 292 15.75 15.63 14.90
N GLY B 293 16.99 15.81 14.42
CA GLY B 293 18.13 16.06 15.29
C GLY B 293 18.87 14.79 15.66
N TYR B 294 20.19 14.92 15.86
CA TYR B 294 20.98 13.74 16.19
C TYR B 294 20.53 13.12 17.50
N ASP B 295 20.13 13.96 18.47
CA ASP B 295 19.69 13.42 19.76
C ASP B 295 18.50 12.48 19.58
N ASN B 296 17.56 12.80 18.70
CA ASN B 296 16.44 11.90 18.47
C ASN B 296 16.83 10.68 17.61
N PHE B 297 17.77 10.84 16.67
CA PHE B 297 18.25 9.67 15.94
C PHE B 297 18.91 8.69 16.89
N GLU B 298 19.69 9.21 17.83
CA GLU B 298 20.32 8.38 18.85
C GLU B 298 19.29 7.63 19.67
N LYS B 299 18.18 8.30 20.04
CA LYS B 299 17.14 7.64 20.81
C LYS B 299 16.50 6.52 20.01
N LEU B 300 16.32 6.74 18.71
CA LEU B 300 15.79 5.70 17.83
C LEU B 300 16.67 4.47 17.86
N LEU B 301 17.98 4.66 17.73
CA LEU B 301 18.91 3.53 17.76
C LEU B 301 18.91 2.85 19.13
N ARG B 302 18.77 3.62 20.21
CA ARG B 302 18.69 3.02 21.55
C ARG B 302 17.43 2.17 21.70
N GLY B 303 16.32 2.58 21.10
CA GLY B 303 15.14 1.74 21.13
C GLY B 303 15.35 0.42 20.41
N ALA B 304 16.00 0.47 19.24
CA ALA B 304 16.32 -0.77 18.54
C ALA B 304 17.25 -1.64 19.37
N GLN B 305 18.24 -1.04 20.03
CA GLN B 305 19.15 -1.80 20.89
C GLN B 305 18.41 -2.48 22.02
N ASP B 306 17.38 -1.80 22.56
CA ASP B 306 16.56 -2.40 23.61
C ASP B 306 15.87 -3.65 23.10
N THR B 307 15.29 -3.59 21.89
CA THR B 307 14.70 -4.80 21.31
C THR B 307 15.77 -5.87 21.01
N ASP B 308 16.95 -5.45 20.56
CA ASP B 308 18.04 -6.40 20.33
C ASP B 308 18.34 -7.23 21.58
N LYS B 309 18.44 -6.58 22.73
CA LYS B 309 18.76 -7.31 23.96
C LYS B 309 17.60 -8.21 24.36
N HIS B 310 16.37 -7.72 24.21
CA HIS B 310 15.19 -8.54 24.47
C HIS B 310 15.23 -9.80 23.61
N PHE B 311 15.47 -9.64 22.31
CA PHE B 311 15.44 -10.78 21.38
C PHE B 311 16.56 -11.75 21.68
N ARG B 312 17.76 -11.24 21.96
CA ARG B 312 18.91 -12.11 22.10
C ARG B 312 18.90 -12.89 23.42
N ASN B 313 18.28 -12.33 24.47
CA ASN B 313 18.48 -12.85 25.80
C ASN B 313 17.24 -13.46 26.44
N THR B 314 16.08 -13.40 25.80
CA THR B 314 14.82 -13.84 26.42
C THR B 314 14.45 -15.23 25.95
N GLU B 315 14.03 -16.09 26.89
CA GLU B 315 13.52 -17.41 26.51
C GLU B 315 12.35 -17.26 25.56
N PHE B 316 12.20 -18.26 24.67
CA PHE B 316 11.36 -18.07 23.48
C PHE B 316 9.90 -17.78 23.84
N LYS B 317 9.38 -18.41 24.90
CA LYS B 317 7.96 -18.24 25.23
C LYS B 317 7.63 -16.82 25.64
N ASN B 318 8.64 -16.02 26.03
CA ASN B 318 8.41 -14.63 26.45
C ASN B 318 9.08 -13.65 25.51
N ASN B 319 9.44 -14.10 24.30
CA ASN B 319 10.28 -13.36 23.36
C ASN B 319 9.40 -12.87 22.22
N ILE B 320 9.13 -11.55 22.19
CA ILE B 320 8.12 -11.02 21.27
C ILE B 320 8.44 -11.31 19.80
N PRO B 321 9.65 -11.01 19.27
CA PRO B 321 9.91 -11.34 17.87
C PRO B 321 9.85 -12.83 17.56
N VAL B 322 10.25 -13.70 18.48
CA VAL B 322 10.12 -15.14 18.24
C VAL B 322 8.65 -15.52 18.09
N LEU B 323 7.81 -15.00 18.99
CA LEU B 323 6.38 -15.29 18.89
C LEU B 323 5.78 -14.74 17.60
N MET B 324 6.13 -13.50 17.24
CA MET B 324 5.68 -12.94 15.97
C MET B 324 6.05 -13.86 14.81
N GLY B 325 7.27 -14.40 14.84
CA GLY B 325 7.74 -15.20 13.73
C GLY B 325 7.05 -16.55 13.65
N VAL B 326 7.02 -17.29 14.76
CA VAL B 326 6.44 -18.62 14.69
C VAL B 326 4.93 -18.55 14.44
N LEU B 327 4.25 -17.51 14.92
CA LEU B 327 2.83 -17.37 14.62
C LEU B 327 2.63 -17.10 13.13
N GLY B 328 3.52 -16.32 12.51
CA GLY B 328 3.42 -16.12 11.06
C GLY B 328 3.65 -17.40 10.27
N VAL B 329 4.55 -18.26 10.75
CA VAL B 329 4.77 -19.55 10.09
C VAL B 329 3.52 -20.41 10.19
N TRP B 330 2.87 -20.42 11.35
CA TRP B 330 1.62 -21.15 11.55
C TRP B 330 0.57 -20.76 10.49
N TYR B 331 0.36 -19.45 10.28
CA TYR B 331 -0.65 -19.05 9.29
C TYR B 331 -0.18 -19.31 7.87
N ARG B 332 1.10 -19.06 7.57
CA ARG B 332 1.59 -19.21 6.20
C ARG B 332 1.58 -20.67 5.77
N ASN B 333 2.08 -21.57 6.63
CA ASN B 333 2.32 -22.95 6.22
C ASN B 333 1.24 -23.92 6.66
N PHE B 334 0.40 -23.57 7.61
CA PHE B 334 -0.61 -24.51 8.07
C PHE B 334 -2.02 -24.05 7.77
N PHE B 335 -2.31 -22.75 7.92
CA PHE B 335 -3.58 -22.21 7.48
C PHE B 335 -3.56 -21.77 6.02
N ASP B 336 -2.39 -21.84 5.37
CA ASP B 336 -2.25 -21.47 3.95
CA ASP B 336 -2.24 -21.47 3.95
C ASP B 336 -2.74 -20.05 3.67
N ALA B 337 -2.39 -19.11 4.57
CA ALA B 337 -2.71 -17.70 4.37
C ALA B 337 -1.56 -17.04 3.62
N SER B 338 -1.87 -16.44 2.46
CA SER B 338 -0.87 -15.84 1.58
C SER B 338 -0.33 -14.50 2.08
N SER B 339 -1.07 -13.77 2.93
CA SER B 339 -0.69 -12.40 3.25
C SER B 339 -0.69 -12.19 4.75
N TYR B 340 -0.07 -11.09 5.18
CA TYR B 340 -0.06 -10.67 6.57
C TYR B 340 -0.20 -9.15 6.57
N ALA B 341 -1.28 -8.64 7.18
CA ALA B 341 -1.58 -7.22 7.14
C ALA B 341 -0.97 -6.49 8.34
N ILE B 342 -0.48 -5.27 8.10
CA ILE B 342 0.10 -4.41 9.13
C ILE B 342 -0.77 -3.17 9.24
N LEU B 343 -1.44 -2.97 10.38
CA LEU B 343 -2.51 -1.99 10.52
C LEU B 343 -2.24 -1.10 11.73
N PRO B 344 -1.38 -0.10 11.60
CA PRO B 344 -1.03 0.74 12.76
C PRO B 344 -2.04 1.86 12.94
N TYR B 345 -2.58 1.98 14.16
CA TYR B 345 -3.58 3.02 14.45
C TYR B 345 -2.89 4.32 14.88
N SER B 346 -2.13 4.86 13.94
CA SER B 346 -1.44 6.14 14.10
C SER B 346 -1.18 6.72 12.72
N GLN B 347 -1.63 7.95 12.50
CA GLN B 347 -1.36 8.57 11.20
C GLN B 347 0.13 8.74 10.96
N TYR B 348 0.93 8.84 12.02
CA TYR B 348 2.38 8.96 11.86
C TYR B 348 3.00 7.73 11.23
N LEU B 349 2.35 6.56 11.39
CA LEU B 349 2.87 5.32 10.82
C LEU B 349 2.31 5.05 9.43
N ASP B 350 2.04 6.11 8.65
CA ASP B 350 1.39 5.93 7.35
C ASP B 350 2.28 5.21 6.35
N ARG B 351 3.60 5.24 6.51
CA ARG B 351 4.50 4.57 5.58
C ARG B 351 5.18 3.36 6.21
N PHE B 352 4.63 2.86 7.32
CA PHE B 352 5.23 1.76 8.05
C PHE B 352 5.00 0.42 7.35
N ALA B 353 3.75 0.13 6.95
CA ALA B 353 3.51 -1.09 6.18
C ALA B 353 4.36 -1.13 4.91
N ALA B 354 4.47 0.01 4.21
CA ALA B 354 5.25 0.04 2.97
C ALA B 354 6.72 -0.25 3.24
N TYR B 355 7.24 0.20 4.38
CA TYR B 355 8.61 -0.11 4.76
C TYR B 355 8.79 -1.60 4.96
N LEU B 356 7.86 -2.22 5.67
CA LEU B 356 7.96 -3.65 5.93
C LEU B 356 7.81 -4.47 4.67
N GLN B 357 7.15 -3.95 3.63
CA GLN B 357 7.14 -4.69 2.36
C GLN B 357 8.55 -4.99 1.89
N GLN B 358 9.47 -4.01 1.94
CA GLN B 358 10.84 -4.35 1.54
C GLN B 358 11.50 -5.21 2.60
N GLY B 359 11.46 -4.78 3.87
CA GLY B 359 12.22 -5.50 4.89
C GLY B 359 11.85 -6.96 4.97
N ASP B 360 10.55 -7.26 4.86
CA ASP B 360 10.05 -8.63 4.95
C ASP B 360 10.12 -9.33 3.59
N MET B 361 9.45 -8.79 2.56
CA MET B 361 9.31 -9.52 1.29
C MET B 361 10.64 -9.63 0.54
N GLU B 362 11.51 -8.61 0.62
CA GLU B 362 12.78 -8.79 -0.09
C GLU B 362 13.72 -9.71 0.67
N SER B 363 13.55 -9.84 1.99
CA SER B 363 14.33 -10.81 2.75
C SER B 363 13.88 -12.24 2.49
N ASN B 364 12.58 -12.51 2.65
CA ASN B 364 12.11 -13.90 2.71
C ASN B 364 11.28 -14.31 1.50
N GLY B 365 11.26 -13.49 0.45
CA GLY B 365 10.62 -13.89 -0.79
C GLY B 365 11.61 -14.72 -1.61
N LYS B 366 11.81 -15.95 -1.16
CA LYS B 366 12.88 -16.83 -1.65
C LYS B 366 12.31 -18.21 -1.88
N SER B 367 12.89 -18.96 -2.83
CA SER B 367 12.38 -20.30 -3.12
CA SER B 367 12.38 -20.30 -3.15
C SER B 367 13.47 -21.35 -3.15
N VAL B 368 14.67 -21.03 -2.65
CA VAL B 368 15.77 -21.98 -2.60
C VAL B 368 16.29 -21.99 -1.17
N ASP B 369 16.47 -23.19 -0.60
CA ASP B 369 16.85 -23.31 0.80
C ASP B 369 18.36 -23.19 0.98
N ARG B 370 18.81 -23.25 2.23
CA ARG B 370 20.22 -23.00 2.50
C ARG B 370 21.12 -24.14 2.05
N ASN B 371 20.55 -25.29 1.66
CA ASN B 371 21.30 -26.36 1.01
C ASN B 371 21.33 -26.18 -0.50
N GLY B 372 20.72 -25.12 -1.03
CA GLY B 372 20.67 -24.91 -2.46
C GLY B 372 19.57 -25.66 -3.19
N GLU B 373 18.60 -26.21 -2.46
CA GLU B 373 17.52 -26.97 -3.04
C GLU B 373 16.25 -26.14 -3.13
N PHE B 374 15.51 -26.29 -4.23
CA PHE B 374 14.23 -25.60 -4.32
C PHE B 374 13.31 -26.09 -3.21
N VAL B 375 12.54 -25.16 -2.63
CA VAL B 375 11.61 -25.50 -1.54
C VAL B 375 10.29 -26.01 -2.13
N ASP B 376 9.61 -26.87 -1.37
CA ASP B 376 8.26 -27.30 -1.70
C ASP B 376 7.26 -26.87 -0.63
N TYR B 377 7.58 -25.80 0.09
CA TYR B 377 6.69 -25.19 1.07
C TYR B 377 6.70 -23.68 0.88
N GLU B 378 5.69 -23.01 1.45
CA GLU B 378 5.58 -21.56 1.29
C GLU B 378 6.61 -20.84 2.16
N THR B 379 7.10 -19.70 1.65
CA THR B 379 8.01 -18.86 2.43
C THR B 379 7.36 -17.50 2.68
N GLY B 380 8.06 -16.38 2.42
CA GLY B 380 7.55 -15.09 2.82
C GLY B 380 6.17 -14.76 2.27
N PRO B 381 5.31 -14.18 3.11
CA PRO B 381 3.98 -13.76 2.64
C PRO B 381 4.02 -12.37 2.00
N ILE B 382 2.88 -12.01 1.40
CA ILE B 382 2.65 -10.64 0.94
C ILE B 382 2.33 -9.78 2.15
N ILE B 383 3.11 -8.71 2.36
CA ILE B 383 2.89 -7.75 3.44
C ILE B 383 2.17 -6.54 2.85
N TRP B 384 1.16 -6.03 3.55
CA TRP B 384 0.42 -4.89 3.04
C TRP B 384 -0.32 -4.23 4.20
N GLY B 385 -0.86 -3.04 3.96
CA GLY B 385 -1.71 -2.36 4.92
C GLY B 385 -1.66 -0.85 4.76
N GLU B 386 -2.50 -0.20 5.57
CA GLU B 386 -2.59 1.25 5.71
C GLU B 386 -2.88 1.54 7.17
N PRO B 387 -2.53 2.72 7.67
CA PRO B 387 -2.85 3.05 9.06
C PRO B 387 -4.35 3.10 9.30
N GLY B 388 -4.76 2.65 10.49
CA GLY B 388 -6.12 2.92 10.96
C GLY B 388 -6.22 4.35 11.45
N THR B 389 -7.39 4.96 11.29
CA THR B 389 -8.61 4.36 10.74
C THR B 389 -8.74 4.36 9.20
N ASN B 390 -7.73 4.85 8.48
CA ASN B 390 -7.84 4.99 7.04
C ASN B 390 -8.06 3.65 6.33
N GLY B 391 -7.24 2.65 6.66
CA GLY B 391 -7.41 1.36 6.02
C GLY B 391 -8.72 0.71 6.40
N GLN B 392 -9.17 0.96 7.64
CA GLN B 392 -10.43 0.46 8.14
C GLN B 392 -11.60 0.85 7.24
N HIS B 393 -11.58 2.08 6.72
CA HIS B 393 -12.64 2.58 5.85
C HIS B 393 -12.37 2.35 4.37
N ALA B 394 -11.32 1.60 4.04
CA ALA B 394 -11.02 1.24 2.66
C ALA B 394 -11.29 -0.23 2.37
N PHE B 395 -10.63 -1.14 3.09
CA PHE B 395 -10.61 -2.54 2.68
C PHE B 395 -11.01 -3.52 3.77
N TYR B 396 -11.41 -3.06 4.96
CA TYR B 396 -11.74 -4.07 5.97
C TYR B 396 -12.98 -4.88 5.61
N GLN B 397 -13.87 -4.35 4.75
CA GLN B 397 -14.97 -5.16 4.26
C GLN B 397 -14.50 -6.55 3.84
N LEU B 398 -13.36 -6.64 3.14
CA LEU B 398 -12.87 -7.91 2.65
C LEU B 398 -12.27 -8.74 3.78
N ILE B 399 -11.62 -8.10 4.74
CA ILE B 399 -11.07 -8.85 5.87
C ILE B 399 -12.21 -9.48 6.67
N HIS B 400 -13.31 -8.76 6.86
CA HIS B 400 -14.43 -9.26 7.66
C HIS B 400 -15.27 -10.29 6.92
N GLN B 401 -15.51 -10.10 5.61
CA GLN B 401 -16.52 -10.90 4.93
C GLN B 401 -16.07 -11.47 3.59
N GLY B 402 -14.78 -11.33 3.23
CA GLY B 402 -14.26 -11.91 2.02
C GLY B 402 -13.92 -13.38 2.19
N THR B 403 -13.26 -13.93 1.18
CA THR B 403 -12.91 -15.34 1.15
C THR B 403 -11.41 -15.53 1.34
N GLU B 404 -10.82 -14.76 2.24
CA GLU B 404 -9.37 -14.76 2.42
C GLU B 404 -9.07 -14.68 3.90
N LEU B 405 -8.26 -15.60 4.42
CA LEU B 405 -7.75 -15.48 5.79
C LEU B 405 -6.60 -14.47 5.81
N ILE B 406 -6.76 -13.39 6.56
CA ILE B 406 -5.78 -12.31 6.62
C ILE B 406 -5.40 -12.06 8.09
N PRO B 407 -4.39 -12.76 8.61
CA PRO B 407 -3.83 -12.38 9.92
C PRO B 407 -3.32 -10.95 9.87
N ALA B 408 -3.34 -10.27 11.02
CA ALA B 408 -2.96 -8.86 11.04
C ALA B 408 -2.36 -8.47 12.38
N ASP B 409 -1.40 -7.54 12.33
CA ASP B 409 -0.91 -6.83 13.52
C ASP B 409 -1.59 -5.47 13.63
N PHE B 410 -2.25 -5.23 14.76
CA PHE B 410 -2.79 -3.92 15.12
C PHE B 410 -1.85 -3.27 16.12
N ILE B 411 -1.46 -2.02 15.85
CA ILE B 411 -0.44 -1.32 16.65
C ILE B 411 -1.04 0.00 17.11
N ALA B 412 -0.85 0.36 18.38
CA ALA B 412 -1.39 1.62 18.85
C ALA B 412 -0.52 2.21 19.97
N TYR B 413 -0.82 3.47 20.28
CA TYR B 413 -0.17 4.25 21.33
C TYR B 413 -1.24 4.77 22.28
N ALA B 414 -1.00 4.65 23.58
CA ALA B 414 -1.99 5.11 24.54
C ALA B 414 -2.14 6.62 24.50
N LYS B 415 -1.04 7.34 24.31
CA LYS B 415 -1.01 8.79 24.31
C LYS B 415 -0.79 9.30 22.89
N ALA B 416 -1.46 10.40 22.56
CA ALA B 416 -1.26 11.07 21.27
C ALA B 416 -0.24 12.19 21.42
N ASN B 417 0.65 12.32 20.42
CA ASN B 417 1.62 13.42 20.46
C ASN B 417 0.91 14.77 20.52
N ASN B 418 -0.10 14.95 19.67
CA ASN B 418 -1.02 16.10 19.71
C ASN B 418 -2.36 15.56 20.16
N ASN B 419 -2.78 15.91 21.36
CA ASN B 419 -4.00 15.39 21.96
C ASN B 419 -5.11 16.40 21.76
N LEU B 420 -6.08 16.06 20.92
CA LEU B 420 -7.18 16.95 20.58
C LEU B 420 -8.50 16.36 21.05
N SER B 421 -9.34 17.21 21.67
CA SER B 421 -10.67 16.89 22.17
C SER B 421 -10.80 15.43 22.60
N ASP B 422 -11.61 14.62 21.89
CA ASP B 422 -11.77 13.22 22.20
C ASP B 422 -11.30 12.33 21.05
N HIS B 423 -10.38 12.85 20.23
CA HIS B 423 -9.87 12.07 19.10
C HIS B 423 -9.23 10.76 19.56
N GLN B 424 -8.42 10.81 20.61
CA GLN B 424 -7.62 9.64 20.96
C GLN B 424 -8.50 8.50 21.47
N ASP B 425 -9.49 8.80 22.33
CA ASP B 425 -10.40 7.74 22.75
C ASP B 425 -11.20 7.19 21.56
N LYS B 426 -11.61 8.06 20.64
CA LYS B 426 -12.33 7.58 19.46
C LYS B 426 -11.46 6.68 18.60
N LEU B 427 -10.22 7.10 18.34
CA LEU B 427 -9.27 6.26 17.62
C LEU B 427 -9.11 4.90 18.29
N MET B 428 -8.88 4.90 19.61
CA MET B 428 -8.63 3.65 20.29
C MET B 428 -9.88 2.78 20.36
N SER B 429 -11.08 3.37 20.43
CA SER B 429 -12.28 2.54 20.42
C SER B 429 -12.33 1.69 19.15
N ASN B 430 -11.82 2.22 18.03
CA ASN B 430 -11.79 1.44 16.79
C ASN B 430 -10.71 0.38 16.85
N PHE B 431 -9.56 0.72 17.41
CA PHE B 431 -8.46 -0.24 17.57
C PHE B 431 -8.93 -1.47 18.35
N PHE B 432 -9.60 -1.27 19.48
CA PHE B 432 -10.11 -2.40 20.27
C PHE B 432 -11.25 -3.11 19.57
N ALA B 433 -12.20 -2.35 19.02
CA ALA B 433 -13.40 -2.94 18.44
C ALA B 433 -13.08 -3.81 17.24
N GLN B 434 -12.09 -3.41 16.42
CA GLN B 434 -11.85 -4.14 15.18
C GLN B 434 -11.30 -5.54 15.46
N THR B 435 -10.40 -5.66 16.44
CA THR B 435 -9.88 -7.00 16.71
C THR B 435 -10.92 -7.86 17.40
N GLU B 436 -11.75 -7.25 18.25
CA GLU B 436 -12.88 -7.96 18.83
C GLU B 436 -13.81 -8.49 17.74
N ALA B 437 -14.16 -7.62 16.78
CA ALA B 437 -15.02 -8.02 15.67
C ALA B 437 -14.37 -9.11 14.84
N LEU B 438 -13.09 -8.94 14.51
CA LEU B 438 -12.41 -9.92 13.66
C LEU B 438 -12.33 -11.29 14.34
N ALA B 439 -12.16 -11.31 15.67
CA ALA B 439 -12.02 -12.57 16.38
C ALA B 439 -13.35 -13.29 16.53
N PHE B 440 -14.39 -12.59 16.99
CA PHE B 440 -15.58 -13.26 17.47
C PHE B 440 -16.77 -13.15 16.53
N GLY B 441 -16.73 -12.24 15.57
CA GLY B 441 -17.76 -12.16 14.54
C GLY B 441 -19.16 -11.90 15.09
N LYS B 442 -20.14 -12.40 14.35
CA LYS B 442 -21.54 -12.26 14.72
CA LYS B 442 -21.55 -12.26 14.71
C LYS B 442 -22.32 -13.39 14.05
N THR B 443 -22.97 -14.23 14.85
CA THR B 443 -23.56 -15.47 14.36
C THR B 443 -24.93 -15.22 13.71
N LYS B 444 -25.39 -16.24 12.98
CA LYS B 444 -26.75 -16.22 12.44
C LYS B 444 -27.77 -15.88 13.52
N GLU B 445 -27.68 -16.53 14.67
CA GLU B 445 -28.61 -16.28 15.77
C GLU B 445 -28.54 -14.82 16.22
N GLN B 446 -27.33 -14.28 16.33
CA GLN B 446 -27.18 -12.88 16.72
C GLN B 446 -27.77 -11.95 15.66
N VAL B 447 -27.59 -12.28 14.38
CA VAL B 447 -28.13 -11.45 13.30
C VAL B 447 -29.66 -11.46 13.35
N ILE B 448 -30.25 -12.64 13.53
CA ILE B 448 -31.71 -12.72 13.57
C ILE B 448 -32.26 -11.92 14.74
N THR B 449 -31.58 -11.96 15.90
CA THR B 449 -32.02 -11.16 17.04
C THR B 449 -32.08 -9.66 16.68
N GLU B 450 -31.04 -9.17 16.02
CA GLU B 450 -30.98 -7.76 15.61
C GLU B 450 -32.07 -7.43 14.58
N LEU B 451 -32.27 -8.31 13.60
CA LEU B 451 -33.30 -8.06 12.60
C LEU B 451 -34.70 -8.13 13.19
N LYS B 452 -34.94 -9.09 14.09
CA LYS B 452 -36.22 -9.17 14.79
C LYS B 452 -36.48 -7.93 15.61
N ALA B 453 -35.44 -7.39 16.25
CA ALA B 453 -35.61 -6.20 17.08
C ALA B 453 -36.19 -5.04 16.30
N SER B 454 -35.87 -4.95 15.01
CA SER B 454 -36.33 -3.86 14.17
C SER B 454 -37.75 -4.07 13.66
N GLY B 455 -38.34 -5.24 13.89
CA GLY B 455 -39.69 -5.49 13.43
C GLY B 455 -39.84 -5.70 11.94
N LYS B 456 -38.75 -6.04 11.27
CA LYS B 456 -38.81 -6.28 9.83
C LYS B 456 -39.73 -7.46 9.51
N ASN B 457 -40.32 -7.43 8.31
CA ASN B 457 -41.10 -8.59 7.93
C ASN B 457 -40.17 -9.79 7.69
N GLU B 458 -40.75 -10.98 7.84
CA GLU B 458 -39.94 -12.19 7.92
C GLU B 458 -39.24 -12.52 6.61
N GLU B 459 -39.86 -12.21 5.46
CA GLU B 459 -39.19 -12.41 4.18
C GLU B 459 -37.91 -11.59 4.10
N GLU B 460 -37.95 -10.33 4.56
CA GLU B 460 -36.76 -9.51 4.52
C GLU B 460 -35.71 -10.00 5.52
N ILE B 461 -36.14 -10.43 6.71
CA ILE B 461 -35.19 -11.00 7.67
C ILE B 461 -34.46 -12.18 7.04
N ALA B 462 -35.20 -13.07 6.40
CA ALA B 462 -34.60 -14.26 5.79
C ALA B 462 -33.55 -13.87 4.75
N PHE B 463 -33.86 -12.90 3.89
CA PHE B 463 -32.94 -12.56 2.81
C PHE B 463 -31.68 -11.88 3.33
N LEU B 464 -31.81 -11.01 4.33
CA LEU B 464 -30.66 -10.23 4.79
C LEU B 464 -29.73 -11.00 5.72
N THR B 465 -30.21 -12.08 6.35
CA THR B 465 -29.47 -12.72 7.45
C THR B 465 -28.03 -13.05 7.07
N ASN B 466 -27.81 -13.75 5.95
CA ASN B 466 -26.46 -14.19 5.67
C ASN B 466 -25.54 -13.03 5.30
N PHE B 467 -26.08 -11.97 4.66
CA PHE B 467 -25.26 -10.82 4.32
C PHE B 467 -24.74 -10.09 5.55
N LYS B 468 -25.43 -10.22 6.68
CA LYS B 468 -25.08 -9.52 7.91
C LYS B 468 -24.31 -10.42 8.88
N THR B 469 -23.98 -11.65 8.48
CA THR B 469 -23.26 -12.59 9.33
C THR B 469 -21.75 -12.36 9.20
N PHE B 470 -21.03 -12.52 10.32
CA PHE B 470 -19.58 -12.39 10.37
C PHE B 470 -19.01 -13.67 10.97
N THR B 471 -18.21 -14.41 10.19
CA THR B 471 -17.70 -15.70 10.66
CA THR B 471 -17.71 -15.70 10.67
C THR B 471 -16.68 -15.54 11.79
N GLY B 472 -15.98 -14.42 11.83
CA GLY B 472 -14.95 -14.30 12.85
C GLY B 472 -13.76 -15.20 12.57
N ASN B 473 -13.01 -15.47 13.63
CA ASN B 473 -11.78 -16.27 13.57
C ASN B 473 -10.75 -15.73 12.58
N THR B 474 -10.68 -14.41 12.43
CA THR B 474 -9.50 -13.77 11.85
C THR B 474 -8.55 -13.40 12.97
N PRO B 475 -7.34 -13.94 13.01
CA PRO B 475 -6.45 -13.72 14.15
C PRO B 475 -5.70 -12.40 14.05
N THR B 476 -5.38 -11.86 15.22
CA THR B 476 -4.62 -10.61 15.31
C THR B 476 -3.68 -10.64 16.50
N ASN B 477 -2.57 -9.91 16.37
CA ASN B 477 -1.80 -9.39 17.50
C ASN B 477 -2.24 -7.95 17.75
N SER B 478 -2.24 -7.53 19.00
CA SER B 478 -2.37 -6.12 19.36
C SER B 478 -1.16 -5.68 20.19
N PHE B 479 -0.49 -4.61 19.73
CA PHE B 479 0.57 -3.92 20.46
C PHE B 479 0.02 -2.61 21.01
N ILE B 480 0.25 -2.32 22.28
CA ILE B 480 0.00 -0.98 22.82
C ILE B 480 1.30 -0.47 23.46
N PHE B 481 1.87 0.57 22.88
CA PHE B 481 2.95 1.31 23.50
C PHE B 481 2.36 2.51 24.24
N GLU B 482 3.11 3.05 25.20
CA GLU B 482 2.61 4.21 25.93
C GLU B 482 2.52 5.44 25.04
N GLU B 483 3.56 5.69 24.25
CA GLU B 483 3.57 6.87 23.37
CA GLU B 483 3.64 6.90 23.43
C GLU B 483 4.53 6.63 22.22
N LEU B 484 4.31 7.36 21.14
CA LEU B 484 5.18 7.30 19.98
C LEU B 484 6.34 8.28 20.20
N THR B 485 7.55 7.75 20.37
CA THR B 485 8.78 8.51 20.55
C THR B 485 9.83 7.88 19.66
N PRO B 486 10.94 8.56 19.40
CA PRO B 486 12.03 7.90 18.66
C PRO B 486 12.40 6.54 19.26
N PHE B 487 12.46 6.46 20.59
CA PHE B 487 12.80 5.19 21.24
C PHE B 487 11.77 4.10 20.92
N THR B 488 10.48 4.38 21.13
CA THR B 488 9.51 3.32 20.91
C THR B 488 9.38 2.96 19.44
N LEU B 489 9.65 3.90 18.53
CA LEU B 489 9.66 3.54 17.11
C LEU B 489 10.80 2.58 16.82
N GLY B 490 11.97 2.84 17.38
CA GLY B 490 13.09 1.93 17.20
C GLY B 490 12.80 0.56 17.76
N GLN B 491 12.18 0.49 18.95
CA GLN B 491 11.76 -0.81 19.47
C GLN B 491 10.93 -1.57 18.43
N LEU B 492 9.97 -0.88 17.81
CA LEU B 492 8.98 -1.52 16.96
C LEU B 492 9.60 -2.01 15.65
N ILE B 493 10.40 -1.15 15.01
CA ILE B 493 11.07 -1.57 13.77
C ILE B 493 11.91 -2.81 14.03
N ALA B 494 12.67 -2.81 15.12
CA ALA B 494 13.53 -3.93 15.42
C ALA B 494 12.74 -5.20 15.74
N PHE B 495 11.56 -5.07 16.35
CA PHE B 495 10.73 -6.27 16.52
C PHE B 495 10.53 -6.96 15.18
N TYR B 496 10.21 -6.20 14.14
CA TYR B 496 9.97 -6.82 12.83
C TYR B 496 11.25 -7.31 12.19
N GLU B 497 12.35 -6.56 12.32
CA GLU B 497 13.62 -7.09 11.81
C GLU B 497 13.89 -8.48 12.36
N HIS B 498 13.61 -8.70 13.64
CA HIS B 498 13.94 -10.00 14.20
C HIS B 498 12.84 -11.04 13.92
N LYS B 499 11.58 -10.62 13.79
CA LYS B 499 10.55 -11.53 13.28
C LYS B 499 11.00 -12.12 11.95
N ILE B 500 11.45 -11.25 11.06
CA ILE B 500 11.87 -11.68 9.72
C ILE B 500 13.04 -12.65 9.83
N PHE B 501 14.00 -12.35 10.71
CA PHE B 501 15.13 -13.25 10.91
C PHE B 501 14.66 -14.62 11.39
N VAL B 502 13.77 -14.64 12.38
CA VAL B 502 13.27 -15.91 12.92
C VAL B 502 12.63 -16.75 11.83
N GLN B 503 11.80 -16.11 10.99
CA GLN B 503 11.11 -16.85 9.94
C GLN B 503 12.07 -17.36 8.88
N GLY B 504 13.07 -16.56 8.50
CA GLY B 504 14.09 -17.06 7.58
C GLY B 504 14.88 -18.24 8.12
N VAL B 505 15.17 -18.23 9.43
CA VAL B 505 15.86 -19.37 10.04
C VAL B 505 15.00 -20.62 9.90
N ILE B 506 13.73 -20.53 10.29
CA ILE B 506 12.84 -21.69 10.30
C ILE B 506 12.57 -22.19 8.88
N TRP B 507 12.35 -21.26 7.93
CA TRP B 507 12.12 -21.66 6.55
C TRP B 507 13.38 -22.13 5.84
N ASN B 508 14.54 -22.11 6.50
CA ASN B 508 15.78 -22.60 5.91
C ASN B 508 16.12 -21.84 4.64
N ILE B 509 15.95 -20.52 4.65
CA ILE B 509 16.30 -19.70 3.51
C ILE B 509 17.34 -18.66 3.92
N PHE B 510 17.83 -17.90 2.93
CA PHE B 510 18.81 -16.85 3.17
C PHE B 510 18.08 -15.51 3.14
N SER B 511 17.95 -14.86 4.31
CA SER B 511 17.15 -13.65 4.43
C SER B 511 17.88 -12.39 4.02
N PHE B 512 19.17 -12.45 3.72
CA PHE B 512 19.95 -11.23 3.65
C PHE B 512 20.59 -10.99 2.29
N ASP B 513 20.31 -11.84 1.30
CA ASP B 513 20.71 -11.56 -0.08
C ASP B 513 19.47 -11.19 -0.90
N GLN B 514 19.68 -10.87 -2.19
CA GLN B 514 18.55 -10.48 -3.04
C GLN B 514 18.91 -10.68 -4.51
N TRP B 515 19.17 -11.93 -4.89
CA TRP B 515 19.55 -12.23 -6.27
C TRP B 515 18.41 -11.99 -7.25
N GLY B 516 17.16 -11.91 -6.75
CA GLY B 516 16.02 -11.77 -7.61
C GLY B 516 15.85 -10.41 -8.22
N VAL B 517 16.71 -9.44 -7.87
CA VAL B 517 16.61 -8.14 -8.50
C VAL B 517 17.47 -8.04 -9.75
N GLU B 518 18.30 -9.06 -10.05
CA GLU B 518 19.32 -8.93 -11.10
C GLU B 518 18.73 -9.02 -12.51
N LEU B 519 17.74 -9.88 -12.73
CA LEU B 519 17.28 -10.13 -14.09
C LEU B 519 16.64 -8.88 -14.70
N GLY B 520 15.76 -8.23 -13.95
CA GLY B 520 15.14 -7.02 -14.46
C GLY B 520 16.15 -5.93 -14.77
N LYS B 521 17.19 -5.81 -13.95
CA LYS B 521 18.24 -4.83 -14.20
C LYS B 521 18.96 -5.13 -15.51
N ALA B 522 19.33 -6.39 -15.72
CA ALA B 522 20.04 -6.77 -16.94
C ALA B 522 19.16 -6.56 -18.17
N LEU B 523 17.89 -6.94 -18.09
CA LEU B 523 17.01 -6.77 -19.24
C LEU B 523 16.76 -5.30 -19.54
N ALA B 524 16.73 -4.45 -18.52
CA ALA B 524 16.53 -3.02 -18.76
C ALA B 524 17.75 -2.40 -19.41
N ASN B 525 18.94 -2.89 -19.08
CA ASN B 525 20.15 -2.42 -19.74
C ASN B 525 20.12 -2.71 -21.23
N LYS B 526 19.61 -3.88 -21.62
CA LYS B 526 19.53 -4.18 -23.05
C LYS B 526 18.52 -3.27 -23.74
N ILE B 527 17.43 -2.92 -23.05
CA ILE B 527 16.35 -2.19 -23.69
C ILE B 527 16.65 -0.71 -23.82
N LEU B 528 17.34 -0.11 -22.84
CA LEU B 528 17.50 1.35 -22.84
C LEU B 528 18.05 1.90 -24.16
N PRO B 529 19.17 1.39 -24.71
CA PRO B 529 19.62 1.95 -25.99
C PRO B 529 18.64 1.70 -27.13
N GLU B 530 17.84 0.63 -27.06
CA GLU B 530 16.87 0.36 -28.11
C GLU B 530 15.79 1.44 -28.16
N LEU B 531 15.53 2.10 -27.03
CA LEU B 531 14.50 3.14 -26.96
C LEU B 531 14.94 4.44 -27.59
N GLU B 532 16.23 4.66 -27.73
CA GLU B 532 16.74 5.94 -28.14
C GLU B 532 16.89 6.06 -29.65
N ASN B 533 16.95 4.94 -30.37
CA ASN B 533 17.09 4.97 -31.81
C ASN B 533 15.73 4.93 -32.50
N THR B 534 15.76 4.92 -33.83
CA THR B 534 14.58 5.04 -34.67
C THR B 534 14.07 3.68 -35.18
N ALA B 535 14.81 2.61 -34.97
CA ALA B 535 14.47 1.33 -35.59
C ALA B 535 13.23 0.71 -34.96
N GLU B 536 12.47 -0.01 -35.77
CA GLU B 536 11.51 -0.95 -35.23
C GLU B 536 12.29 -2.07 -34.54
N ILE B 537 11.91 -2.38 -33.31
CA ILE B 537 12.62 -3.35 -32.49
C ILE B 537 11.99 -4.72 -32.70
N THR B 538 12.83 -5.73 -32.97
CA THR B 538 12.36 -7.09 -33.23
C THR B 538 13.12 -8.12 -32.41
N SER B 539 13.95 -7.68 -31.45
CA SER B 539 14.92 -8.55 -30.80
C SER B 539 14.37 -9.28 -29.58
N HIS B 540 13.13 -9.05 -29.19
CA HIS B 540 12.56 -9.73 -28.03
C HIS B 540 11.41 -10.63 -28.47
N ASP B 541 10.65 -11.12 -27.48
CA ASP B 541 9.35 -11.73 -27.73
C ASP B 541 8.40 -10.70 -28.35
N SER B 542 7.30 -11.18 -28.92
CA SER B 542 6.41 -10.28 -29.67
C SER B 542 5.71 -9.25 -28.77
N SER B 543 5.52 -9.56 -27.48
CA SER B 543 4.90 -8.58 -26.58
C SER B 543 5.87 -7.43 -26.29
N THR B 544 7.07 -7.76 -25.82
CA THR B 544 8.08 -6.74 -25.56
C THR B 544 8.34 -5.91 -26.81
N ASN B 545 8.48 -6.56 -27.96
CA ASN B 545 8.63 -5.83 -29.22
C ASN B 545 7.45 -4.88 -29.45
N GLY B 546 6.23 -5.40 -29.28
CA GLY B 546 5.05 -4.61 -29.60
C GLY B 546 4.88 -3.44 -28.65
N LEU B 547 5.20 -3.64 -27.38
CA LEU B 547 5.14 -2.56 -26.41
C LEU B 547 6.18 -1.49 -26.71
N ILE B 548 7.41 -1.91 -26.98
CA ILE B 548 8.48 -0.95 -27.30
C ILE B 548 8.10 -0.14 -28.54
N ASN B 549 7.64 -0.81 -29.59
CA ASN B 549 7.36 -0.10 -30.83
C ASN B 549 6.18 0.87 -30.68
N PHE B 550 5.17 0.49 -29.90
CA PHE B 550 4.08 1.43 -29.61
C PHE B 550 4.62 2.65 -28.87
N TYR B 551 5.47 2.41 -27.86
CA TYR B 551 6.10 3.49 -27.11
C TYR B 551 6.87 4.43 -28.05
N LYS B 552 7.68 3.87 -28.95
CA LYS B 552 8.49 4.72 -29.81
C LYS B 552 7.61 5.57 -30.72
N LYS B 553 6.45 5.05 -31.12
CA LYS B 553 5.54 5.82 -31.95
C LYS B 553 4.91 6.98 -31.19
N HIS B 554 4.80 6.87 -29.87
CA HIS B 554 4.07 7.85 -29.07
C HIS B 554 4.94 8.64 -28.10
N LYS B 555 6.24 8.39 -28.06
CA LYS B 555 7.10 9.05 -27.07
C LYS B 555 7.45 10.49 -27.44
#